data_2QLP
#
_entry.id   2QLP
#
_cell.length_a   62.800
_cell.length_b   96.700
_cell.length_c   78.000
_cell.angle_alpha   90.000
_cell.angle_beta   97.700
_cell.angle_gamma   90.000
#
_symmetry.space_group_name_H-M   'P 1 21 1'
#
loop_
_entity.id
_entity.type
_entity.pdbx_description
1 polymer 'Deoxycytidine triphosphate deaminase'
2 non-polymer 'PENTAETHYLENE GLYCOL'
3 water water
#
_entity_poly.entity_id   1
_entity_poly.type   'polypeptide(L)'
_entity_poly.pdbx_seq_one_letter_code
;MLLSDRDLRAEISSGRLGIDPFDDTLVQPSSIDVRLDCLFRVFNNTRYTHIDPAKQQDELTSLVQPVDGEPFVLHPGEFV
LGSTLELFTLPDNLAGRLEGKSSLGRLGLLTHSTAGFIDPGFSGHITLELSNVANLPITLWPGMKIGQLCMLRLTSPSEH
P
;
_entity_poly.pdbx_strand_id   A,B,C,D,E,F
#
loop_
_chem_comp.id
_chem_comp.type
_chem_comp.name
_chem_comp.formula
1PE non-polymer 'PENTAETHYLENE GLYCOL' 'C10 H22 O6'
#
# COMPACT_ATOMS: atom_id res chain seq x y z
N MET A 1 -26.43 25.09 -12.53
CA MET A 1 -26.26 25.69 -13.87
C MET A 1 -24.86 26.30 -14.03
N LEU A 2 -24.14 25.84 -15.03
CA LEU A 2 -22.71 26.10 -15.14
C LEU A 2 -22.42 27.39 -15.92
N LEU A 3 -21.70 28.31 -15.28
CA LEU A 3 -21.30 29.57 -15.93
C LEU A 3 -20.35 29.34 -17.10
N SER A 4 -20.60 30.00 -18.23
CA SER A 4 -19.68 29.94 -19.36
C SER A 4 -18.56 30.94 -19.20
N ASP A 5 -17.55 30.82 -20.05
CA ASP A 5 -16.44 31.78 -20.08
C ASP A 5 -16.93 33.22 -20.09
N ARG A 6 -17.90 33.51 -20.96
CA ARG A 6 -18.41 34.87 -21.07
C ARG A 6 -19.11 35.34 -19.78
N ASP A 7 -19.89 34.47 -19.13
CA ASP A 7 -20.50 34.82 -17.83
C ASP A 7 -19.47 34.90 -16.70
N LEU A 8 -18.44 34.06 -16.74
CA LEU A 8 -17.40 34.14 -15.73
C LEU A 8 -16.69 35.49 -15.85
N ARG A 9 -16.47 35.91 -17.08
CA ARG A 9 -15.86 37.20 -17.33
C ARG A 9 -16.72 38.38 -16.84
N ALA A 10 -18.02 38.31 -17.08
CA ALA A 10 -18.93 39.34 -16.60
C ALA A 10 -18.93 39.42 -15.06
N GLU A 11 -18.99 38.26 -14.39
CA GLU A 11 -18.96 38.20 -12.93
C GLU A 11 -17.67 38.78 -12.37
N ILE A 12 -16.55 38.47 -13.00
CA ILE A 12 -15.25 38.94 -12.56
C ILE A 12 -15.11 40.42 -12.84
N SER A 13 -15.40 40.86 -14.06
CA SER A 13 -15.16 42.25 -14.42
C SER A 13 -16.14 43.20 -13.74
N SER A 14 -17.10 42.65 -13.01
CA SER A 14 -18.02 43.46 -12.21
C SER A 14 -17.75 43.33 -10.70
N GLY A 15 -16.70 42.58 -10.34
CA GLY A 15 -16.31 42.43 -8.94
C GLY A 15 -17.16 41.55 -8.02
N ARG A 16 -18.21 40.93 -8.56
CA ARG A 16 -19.00 40.01 -7.74
C ARG A 16 -18.30 38.68 -7.52
N LEU A 17 -17.34 38.37 -8.39
CA LEU A 17 -16.49 37.19 -8.22
C LEU A 17 -15.01 37.62 -8.11
N GLY A 18 -14.43 37.41 -6.94
CA GLY A 18 -13.08 37.86 -6.71
C GLY A 18 -12.06 36.79 -7.05
N ILE A 19 -11.10 37.13 -7.89
CA ILE A 19 -9.97 36.26 -8.16
C ILE A 19 -8.70 37.10 -8.17
N ASP A 20 -7.84 36.87 -7.18
CA ASP A 20 -6.57 37.58 -7.10
C ASP A 20 -5.39 36.62 -6.84
N PRO A 21 -4.41 36.61 -7.75
CA PRO A 21 -4.37 37.42 -8.95
C PRO A 21 -5.12 36.79 -10.12
N PHE A 22 -5.70 37.63 -10.96
CA PHE A 22 -6.47 37.16 -12.11
C PHE A 22 -5.64 37.16 -13.36
N ASP A 23 -5.78 36.10 -14.16
CA ASP A 23 -5.10 36.00 -15.45
C ASP A 23 -6.07 35.45 -16.50
N ASP A 24 -6.44 36.28 -17.47
CA ASP A 24 -7.51 35.99 -18.41
C ASP A 24 -7.22 34.79 -19.30
N THR A 25 -5.94 34.50 -19.53
CA THR A 25 -5.62 33.34 -20.36
C THR A 25 -5.99 32.02 -19.67
N LEU A 26 -6.35 32.06 -18.40
CA LEU A 26 -6.66 30.83 -17.68
C LEU A 26 -8.14 30.45 -17.82
N VAL A 27 -8.96 31.38 -18.30
CA VAL A 27 -10.38 31.12 -18.48
C VAL A 27 -10.58 30.05 -19.54
N GLN A 28 -11.40 29.04 -19.22
CA GLN A 28 -11.68 27.92 -20.11
C GLN A 28 -13.12 28.00 -20.53
N PRO A 29 -13.56 27.13 -21.47
CA PRO A 29 -14.91 27.26 -21.99
C PRO A 29 -15.99 27.32 -20.91
N SER A 30 -15.85 26.55 -19.83
CA SER A 30 -16.82 26.63 -18.75
C SER A 30 -16.21 26.42 -17.36
N SER A 31 -15.01 26.98 -17.18
CA SER A 31 -14.34 26.95 -15.91
C SER A 31 -13.10 27.86 -15.95
N ILE A 32 -12.39 27.94 -14.84
CA ILE A 32 -11.10 28.62 -14.85
C ILE A 32 -10.03 27.78 -14.20
N ASP A 33 -8.86 27.75 -14.85
CA ASP A 33 -7.72 27.03 -14.33
C ASP A 33 -7.22 27.69 -13.06
N VAL A 34 -6.72 26.86 -12.13
CA VAL A 34 -6.13 27.37 -10.90
C VAL A 34 -4.68 26.89 -10.79
N ARG A 35 -3.89 27.56 -9.95
CA ARG A 35 -2.47 27.26 -9.82
C ARG A 35 -2.03 26.82 -8.42
N LEU A 36 -0.91 26.11 -8.36
CA LEU A 36 -0.39 25.53 -7.13
C LEU A 36 0.38 26.55 -6.32
N ASP A 37 0.00 26.78 -5.07
CA ASP A 37 0.83 27.60 -4.18
C ASP A 37 1.97 26.79 -3.60
N CYS A 38 2.79 27.41 -2.76
CA CYS A 38 4.08 26.85 -2.45
C CYS A 38 4.20 26.28 -1.04
N LEU A 39 3.15 26.41 -0.24
CA LEU A 39 3.17 25.81 1.11
C LEU A 39 2.39 24.53 1.14
N PHE A 40 2.90 23.55 1.85
CA PHE A 40 2.27 22.25 1.94
C PHE A 40 2.21 21.78 3.39
N ARG A 41 1.18 21.00 3.75
CA ARG A 41 1.17 20.39 5.06
C ARG A 41 1.32 18.92 4.88
N VAL A 42 2.21 18.31 5.65
CA VAL A 42 2.32 16.85 5.65
C VAL A 42 1.98 16.31 7.05
N PHE A 43 1.66 15.03 7.14
CA PHE A 43 1.19 14.49 8.42
C PHE A 43 2.33 13.86 9.24
N ASN A 44 2.40 14.20 10.53
CA ASN A 44 3.45 13.65 11.40
C ASN A 44 2.90 12.48 12.18
N ASN A 45 2.92 11.33 11.52
CA ASN A 45 2.26 10.17 12.05
C ASN A 45 3.11 9.32 13.01
N THR A 46 4.29 9.80 13.37
CA THR A 46 5.13 9.12 14.38
C THR A 46 4.75 9.48 15.85
N ARG A 47 3.95 10.54 16.02
CA ARG A 47 3.50 10.95 17.36
C ARG A 47 2.07 10.52 17.73
N TYR A 48 1.25 10.18 16.75
CA TYR A 48 -0.14 9.78 17.04
C TYR A 48 -0.46 8.36 16.56
N THR A 49 -1.32 7.69 17.31
CA THR A 49 -1.83 6.38 16.91
C THR A 49 -2.90 6.53 15.85
N HIS A 50 -3.63 7.64 15.88
CA HIS A 50 -4.82 7.75 15.04
C HIS A 50 -5.38 9.18 15.04
N ILE A 51 -6.16 9.46 13.99
CA ILE A 51 -6.91 10.68 13.86
C ILE A 51 -8.27 10.50 14.49
N ASP A 52 -8.67 11.48 15.31
CA ASP A 52 -10.01 11.49 15.84
C ASP A 52 -10.68 12.81 15.50
N PRO A 53 -11.59 12.77 14.54
CA PRO A 53 -12.36 13.91 14.03
C PRO A 53 -13.04 14.71 15.13
N ALA A 54 -13.41 14.06 16.24
CA ALA A 54 -14.10 14.76 17.34
C ALA A 54 -13.15 15.44 18.34
N LYS A 55 -11.86 15.21 18.21
CA LYS A 55 -10.91 15.92 19.05
C LYS A 55 -10.14 16.95 18.23
N GLN A 56 -9.45 17.85 18.93
CA GLN A 56 -8.58 18.84 18.30
C GLN A 56 -7.20 18.20 18.35
N GLN A 57 -6.46 18.23 17.24
CA GLN A 57 -5.15 17.60 17.17
C GLN A 57 -4.13 18.52 16.48
N ASP A 58 -3.41 19.29 17.28
CA ASP A 58 -2.70 20.47 16.79
C ASP A 58 -1.36 20.17 16.15
N GLU A 59 -0.64 19.19 16.69
CA GLU A 59 0.66 18.85 16.16
C GLU A 59 0.49 17.79 15.08
N LEU A 60 -0.70 17.77 14.49
CA LEU A 60 -1.07 16.79 13.49
C LEU A 60 -0.39 16.96 12.14
N THR A 61 -0.03 18.19 11.77
CA THR A 61 0.61 18.43 10.48
C THR A 61 1.87 19.30 10.61
N SER A 62 2.68 19.32 9.55
CA SER A 62 3.93 20.07 9.54
C SER A 62 4.09 20.86 8.26
N LEU A 63 4.75 22.02 8.35
CA LEU A 63 4.90 22.90 7.21
C LEU A 63 6.10 22.51 6.34
N VAL A 64 5.83 22.11 5.12
CA VAL A 64 6.88 21.86 4.16
C VAL A 64 6.82 22.89 3.06
N GLN A 65 7.97 23.50 2.78
CA GLN A 65 8.08 24.40 1.65
C GLN A 65 9.35 24.09 0.88
N PRO A 66 9.20 23.63 -0.37
CA PRO A 66 10.28 23.42 -1.32
C PRO A 66 11.22 24.62 -1.42
N VAL A 67 12.53 24.34 -1.49
CA VAL A 67 13.52 25.37 -1.81
C VAL A 67 13.13 25.91 -3.17
N ASP A 68 13.46 27.16 -3.45
CA ASP A 68 12.99 27.76 -4.67
C ASP A 68 13.68 27.11 -5.86
N GLY A 69 12.99 27.09 -7.00
CA GLY A 69 13.53 26.49 -8.21
C GLY A 69 13.40 24.97 -8.24
N GLU A 70 13.12 24.39 -7.08
CA GLU A 70 12.97 22.95 -6.92
C GLU A 70 11.49 22.61 -6.71
N PRO A 71 11.12 21.33 -6.93
CA PRO A 71 9.78 20.76 -6.76
C PRO A 71 9.48 20.07 -5.41
N PHE A 72 8.19 19.99 -5.08
CA PHE A 72 7.69 19.13 -4.01
C PHE A 72 7.35 17.79 -4.63
N VAL A 73 8.08 16.76 -4.22
CA VAL A 73 7.90 15.46 -4.83
C VAL A 73 6.85 14.68 -4.07
N LEU A 74 5.83 14.25 -4.80
CA LEU A 74 4.68 13.54 -4.23
C LEU A 74 4.69 12.02 -4.55
N HIS A 75 4.98 11.21 -3.55
CA HIS A 75 5.14 9.78 -3.74
C HIS A 75 3.79 9.07 -3.60
N PRO A 76 3.61 7.93 -4.29
CA PRO A 76 2.35 7.19 -4.24
C PRO A 76 2.04 6.87 -2.79
N GLY A 77 0.80 7.05 -2.36
CA GLY A 77 0.44 6.66 -1.01
C GLY A 77 0.63 7.74 0.04
N GLU A 78 1.28 8.84 -0.33
CA GLU A 78 1.37 9.95 0.59
C GLU A 78 0.17 10.88 0.40
N PHE A 79 -0.24 11.53 1.49
CA PHE A 79 -1.36 12.46 1.46
C PHE A 79 -0.85 13.83 1.92
N VAL A 80 -1.04 14.87 1.11
CA VAL A 80 -0.60 16.20 1.52
C VAL A 80 -1.61 17.29 1.23
N LEU A 81 -1.62 18.31 2.08
CA LEU A 81 -2.50 19.47 1.90
C LEU A 81 -1.73 20.61 1.26
N GLY A 82 -2.34 21.23 0.24
CA GLY A 82 -1.76 22.37 -0.47
C GLY A 82 -2.83 23.41 -0.65
N SER A 83 -2.59 24.36 -1.55
CA SER A 83 -3.45 25.51 -1.66
C SER A 83 -3.40 26.14 -3.07
N THR A 84 -4.52 26.73 -3.51
CA THR A 84 -4.55 27.47 -4.75
C THR A 84 -3.75 28.75 -4.56
N LEU A 85 -2.91 29.10 -5.52
CA LEU A 85 -2.14 30.35 -5.45
C LEU A 85 -3.10 31.57 -5.43
N GLU A 86 -4.20 31.48 -6.18
CA GLU A 86 -5.23 32.51 -6.19
C GLU A 86 -6.02 32.63 -4.88
N LEU A 87 -6.50 33.85 -4.61
CA LEU A 87 -7.47 34.15 -3.55
C LEU A 87 -8.85 34.27 -4.20
N PHE A 88 -9.82 33.48 -3.75
CA PHE A 88 -11.18 33.53 -4.30
C PHE A 88 -12.18 34.19 -3.37
N THR A 89 -13.08 34.99 -3.93
CA THR A 89 -14.20 35.58 -3.18
C THR A 89 -15.51 35.33 -3.90
N LEU A 90 -16.36 34.49 -3.33
CA LEU A 90 -17.63 34.16 -3.96
C LEU A 90 -18.77 34.99 -3.40
N PRO A 91 -19.70 35.41 -4.27
CA PRO A 91 -20.92 36.09 -3.84
C PRO A 91 -21.93 35.03 -3.41
N ASP A 92 -23.10 35.43 -2.93
CA ASP A 92 -23.96 34.38 -2.36
C ASP A 92 -24.99 33.72 -3.28
N ASN A 93 -24.78 33.89 -4.59
CA ASN A 93 -25.56 33.20 -5.63
C ASN A 93 -24.77 32.19 -6.47
N LEU A 94 -23.52 31.94 -6.10
CA LEU A 94 -22.65 31.06 -6.85
C LEU A 94 -21.94 30.05 -5.94
N ALA A 95 -21.79 28.83 -6.42
CA ALA A 95 -21.01 27.84 -5.68
C ALA A 95 -19.91 27.36 -6.59
N GLY A 96 -18.86 26.81 -6.01
CA GLY A 96 -17.71 26.34 -6.80
C GLY A 96 -17.48 24.83 -6.71
N ARG A 97 -16.98 24.26 -7.79
CA ARG A 97 -16.52 22.87 -7.80
C ARG A 97 -15.14 22.80 -8.43
N LEU A 98 -14.22 22.17 -7.72
CA LEU A 98 -12.92 21.85 -8.31
C LEU A 98 -13.10 20.65 -9.21
N GLU A 99 -12.38 20.63 -10.33
CA GLU A 99 -12.29 19.45 -11.15
C GLU A 99 -10.84 19.29 -11.57
N GLY A 100 -10.42 18.07 -11.86
CA GLY A 100 -9.06 17.84 -12.33
C GLY A 100 -8.82 18.33 -13.74
N LYS A 101 -7.57 18.61 -14.07
CA LYS A 101 -7.19 18.88 -15.46
C LYS A 101 -6.94 17.55 -16.18
N SER A 102 -7.46 17.44 -17.39
CA SER A 102 -7.30 16.25 -18.21
C SER A 102 -5.87 15.76 -18.29
N SER A 103 -4.96 16.71 -18.37
CA SER A 103 -3.56 16.42 -18.60
C SER A 103 -2.92 15.81 -17.37
N LEU A 104 -3.27 16.33 -16.19
CA LEU A 104 -2.68 15.84 -14.97
C LEU A 104 -3.44 14.59 -14.53
N GLY A 105 -4.71 14.49 -14.93
CA GLY A 105 -5.53 13.32 -14.60
C GLY A 105 -4.98 12.03 -15.20
N ARG A 106 -4.35 12.13 -16.36
CA ARG A 106 -3.79 10.98 -17.06
C ARG A 106 -2.42 10.61 -16.49
N LEU A 107 -1.94 11.42 -15.55
CA LEU A 107 -0.68 11.14 -14.86
C LEU A 107 -0.88 10.60 -13.43
N GLY A 108 -2.13 10.44 -13.00
CA GLY A 108 -2.41 9.80 -11.69
C GLY A 108 -2.51 10.75 -10.52
N LEU A 109 -2.68 12.03 -10.84
CA LEU A 109 -2.71 13.08 -9.86
C LEU A 109 -4.11 13.38 -9.33
N LEU A 110 -4.30 13.32 -8.02
CA LEU A 110 -5.56 13.77 -7.42
C LEU A 110 -5.35 15.07 -6.67
N THR A 111 -6.26 16.02 -6.85
CA THR A 111 -6.11 17.34 -6.24
C THR A 111 -7.14 17.71 -5.20
N HIS A 112 -8.22 16.93 -5.08
CA HIS A 112 -9.33 17.32 -4.20
C HIS A 112 -10.22 16.13 -3.82
N SER A 113 -9.62 15.13 -3.21
CA SER A 113 -10.23 13.80 -3.01
C SER A 113 -11.74 13.62 -2.65
N THR A 114 -12.29 13.61 -1.40
CA THR A 114 -12.07 14.27 -0.06
C THR A 114 -12.90 15.52 0.14
N ALA A 115 -12.78 16.51 -0.76
CA ALA A 115 -13.53 17.77 -0.63
C ALA A 115 -13.19 18.75 -1.74
N GLY A 116 -14.13 18.96 -2.66
CA GLY A 116 -13.94 19.93 -3.74
C GLY A 116 -15.10 20.89 -3.91
N PHE A 117 -15.95 20.97 -2.90
CA PHE A 117 -17.15 21.80 -3.00
C PHE A 117 -17.01 23.08 -2.20
N ILE A 118 -17.20 24.21 -2.87
CA ILE A 118 -17.00 25.52 -2.24
C ILE A 118 -18.30 26.27 -2.06
N ASP A 119 -18.66 26.51 -0.79
CA ASP A 119 -19.93 27.19 -0.44
C ASP A 119 -19.98 28.61 -0.97
N PRO A 120 -21.18 29.07 -1.32
CA PRO A 120 -21.41 30.48 -1.63
C PRO A 120 -21.01 31.36 -0.45
N GLY A 121 -20.30 32.45 -0.72
CA GLY A 121 -19.87 33.33 0.35
C GLY A 121 -18.45 33.03 0.79
N PHE A 122 -17.90 31.93 0.27
CA PHE A 122 -16.52 31.57 0.56
C PHE A 122 -15.55 32.67 0.19
N SER A 123 -14.52 32.82 1.01
CA SER A 123 -13.45 33.73 0.68
C SER A 123 -12.13 33.22 1.26
N GLY A 124 -11.14 33.03 0.39
CA GLY A 124 -9.84 32.53 0.80
C GLY A 124 -9.13 31.78 -0.31
N HIS A 125 -7.99 31.19 0.02
CA HIS A 125 -7.31 30.30 -0.86
C HIS A 125 -7.96 28.94 -0.71
N ILE A 126 -8.19 28.28 -1.84
CA ILE A 126 -8.86 27.01 -1.85
C ILE A 126 -7.92 25.87 -1.44
N THR A 127 -8.37 25.05 -0.48
CA THR A 127 -7.56 23.92 0.01
C THR A 127 -7.46 22.79 -1.04
N LEU A 128 -6.27 22.27 -1.26
CA LEU A 128 -6.11 21.12 -2.16
C LEU A 128 -5.68 19.88 -1.37
N GLU A 129 -6.36 18.78 -1.60
CA GLU A 129 -5.99 17.51 -1.03
C GLU A 129 -5.18 16.72 -2.08
N LEU A 130 -3.88 16.61 -1.89
CA LEU A 130 -3.04 16.03 -2.95
C LEU A 130 -2.77 14.52 -2.77
N SER A 131 -3.03 13.73 -3.82
CA SER A 131 -2.74 12.28 -3.81
C SER A 131 -2.17 11.82 -5.15
N ASN A 132 -1.37 10.77 -5.10
CA ASN A 132 -0.75 10.20 -6.28
C ASN A 132 -1.12 8.72 -6.35
N VAL A 133 -1.98 8.33 -7.29
CA VAL A 133 -2.42 6.92 -7.37
C VAL A 133 -1.71 6.20 -8.48
N ALA A 134 -0.69 6.85 -9.04
CA ALA A 134 0.17 6.26 -10.05
C ALA A 134 1.14 5.28 -9.39
N ASN A 135 2.03 4.68 -10.17
CA ASN A 135 3.13 3.95 -9.54
C ASN A 135 4.50 4.56 -9.79
N LEU A 136 4.55 5.88 -9.91
CA LEU A 136 5.81 6.60 -9.86
C LEU A 136 5.56 7.84 -9.03
N PRO A 137 6.63 8.40 -8.47
CA PRO A 137 6.58 9.73 -7.87
C PRO A 137 6.24 10.79 -8.91
N ILE A 138 5.56 11.85 -8.52
CA ILE A 138 5.28 12.98 -9.44
C ILE A 138 5.90 14.25 -8.87
N THR A 139 6.68 14.99 -9.67
CA THR A 139 7.25 16.27 -9.20
C THR A 139 6.31 17.47 -9.41
N LEU A 140 5.96 18.13 -8.31
CA LEU A 140 5.04 19.26 -8.33
C LEU A 140 5.82 20.56 -8.32
N TRP A 141 5.53 21.43 -9.30
CA TRP A 141 6.15 22.75 -9.38
C TRP A 141 5.20 23.85 -8.92
N PRO A 142 5.51 24.48 -7.79
CA PRO A 142 4.74 25.64 -7.40
C PRO A 142 4.53 26.57 -8.57
N GLY A 143 3.30 27.04 -8.76
CA GLY A 143 2.97 27.97 -9.82
C GLY A 143 2.29 27.29 -11.00
N MET A 144 2.43 25.97 -11.06
CA MET A 144 1.88 25.22 -12.17
C MET A 144 0.36 25.17 -12.15
N LYS A 145 -0.22 24.99 -13.32
CA LYS A 145 -1.63 24.73 -13.41
C LYS A 145 -1.90 23.41 -12.70
N ILE A 146 -2.83 23.40 -11.75
CA ILE A 146 -3.05 22.21 -10.93
C ILE A 146 -4.47 21.67 -11.09
N GLY A 147 -5.37 22.51 -11.58
CA GLY A 147 -6.75 22.08 -11.76
C GLY A 147 -7.64 23.17 -12.29
N GLN A 148 -8.96 23.00 -12.14
CA GLN A 148 -9.89 24.00 -12.62
C GLN A 148 -11.08 24.18 -11.70
N LEU A 149 -11.66 25.36 -11.72
CA LEU A 149 -12.77 25.69 -10.85
C LEU A 149 -13.98 26.04 -11.72
N CYS A 150 -15.08 25.34 -11.47
CA CYS A 150 -16.36 25.62 -12.14
C CYS A 150 -17.24 26.45 -11.23
N MET A 151 -18.03 27.35 -11.82
CA MET A 151 -19.01 28.07 -11.02
C MET A 151 -20.44 27.60 -11.34
N LEU A 152 -21.16 27.22 -10.29
CA LEU A 152 -22.57 26.84 -10.42
C LEU A 152 -23.50 27.95 -9.96
N ARG A 153 -24.50 28.32 -10.77
CA ARG A 153 -25.52 29.25 -10.32
C ARG A 153 -26.48 28.57 -9.36
N LEU A 154 -26.89 29.29 -8.33
CA LEU A 154 -27.89 28.80 -7.40
C LEU A 154 -29.26 29.23 -7.87
N THR A 155 -30.29 28.46 -7.51
CA THR A 155 -31.66 28.79 -7.89
C THR A 155 -32.09 30.15 -7.36
N SER A 156 -31.44 30.58 -6.29
CA SER A 156 -31.73 31.89 -5.68
C SER A 156 -30.64 32.18 -4.65
N PRO A 157 -30.37 33.46 -4.38
CA PRO A 157 -29.30 33.77 -3.41
C PRO A 157 -29.50 33.12 -2.04
N SER A 158 -28.38 32.83 -1.38
CA SER A 158 -28.35 32.10 -0.10
C SER A 158 -28.72 32.98 1.09
N GLU A 159 -29.36 32.35 2.07
CA GLU A 159 -29.78 33.05 3.25
C GLU A 159 -28.67 33.08 4.30
N HIS A 160 -28.12 31.92 4.64
CA HIS A 160 -27.11 31.87 5.67
C HIS A 160 -25.70 31.58 5.14
N PRO A 161 -25.12 32.52 4.37
CA PRO A 161 -23.76 32.35 3.86
C PRO A 161 -22.81 32.00 4.99
N MET B 1 -28.59 23.02 -11.75
CA MET B 1 -28.81 24.30 -10.99
C MET B 1 -29.01 23.99 -9.52
N LEU B 2 -28.19 24.62 -8.69
CA LEU B 2 -28.01 24.19 -7.32
C LEU B 2 -28.99 24.89 -6.40
N LEU B 3 -29.81 24.12 -5.68
CA LEU B 3 -30.74 24.69 -4.71
C LEU B 3 -30.01 25.42 -3.54
N SER B 4 -30.50 26.59 -3.18
CA SER B 4 -30.00 27.29 -2.02
C SER B 4 -30.68 26.80 -0.76
N ASP B 5 -30.17 27.24 0.38
CA ASP B 5 -30.74 26.85 1.67
C ASP B 5 -32.23 27.16 1.69
N ARG B 6 -32.58 28.37 1.24
CA ARG B 6 -33.96 28.82 1.17
C ARG B 6 -34.83 27.85 0.39
N ASP B 7 -34.35 27.46 -0.79
CA ASP B 7 -35.12 26.55 -1.64
C ASP B 7 -35.13 25.11 -1.11
N LEU B 8 -34.06 24.70 -0.44
CA LEU B 8 -34.04 23.38 0.16
C LEU B 8 -35.14 23.35 1.23
N ARG B 9 -35.23 24.44 1.97
CA ARG B 9 -36.21 24.59 3.03
C ARG B 9 -37.61 24.52 2.47
N ALA B 10 -37.83 25.23 1.37
CA ALA B 10 -39.11 25.21 0.67
C ALA B 10 -39.53 23.81 0.27
N GLU B 11 -38.61 23.08 -0.36
CA GLU B 11 -38.87 21.71 -0.82
C GLU B 11 -39.14 20.78 0.34
N ILE B 12 -38.46 20.99 1.45
CA ILE B 12 -38.64 20.12 2.61
C ILE B 12 -39.94 20.41 3.31
N SER B 13 -40.18 21.68 3.59
CA SER B 13 -41.38 22.04 4.32
C SER B 13 -42.66 21.90 3.51
N SER B 14 -42.52 21.44 2.26
CA SER B 14 -43.67 21.13 1.41
C SER B 14 -43.82 19.64 1.13
N GLY B 15 -42.90 18.84 1.68
CA GLY B 15 -42.96 17.38 1.57
C GLY B 15 -42.48 16.79 0.26
N ARG B 16 -42.02 17.64 -0.67
CA ARG B 16 -41.51 17.18 -1.97
C ARG B 16 -40.14 16.53 -1.83
N LEU B 17 -39.38 16.96 -0.83
CA LEU B 17 -38.10 16.36 -0.50
C LEU B 17 -38.18 15.76 0.90
N GLY B 18 -38.06 14.44 0.99
CA GLY B 18 -38.18 13.76 2.27
C GLY B 18 -36.83 13.61 2.94
N ILE B 19 -36.75 14.05 4.19
CA ILE B 19 -35.56 13.81 4.98
C ILE B 19 -35.96 13.40 6.38
N ASP B 20 -35.69 12.16 6.74
CA ASP B 20 -36.06 11.70 8.08
C ASP B 20 -34.95 10.89 8.70
N PRO B 21 -34.47 11.31 9.88
CA PRO B 21 -34.93 12.49 10.63
C PRO B 21 -34.32 13.80 10.15
N PHE B 22 -35.12 14.87 10.18
CA PHE B 22 -34.63 16.18 9.76
C PHE B 22 -34.15 17.01 10.93
N ASP B 23 -33.12 17.79 10.67
CA ASP B 23 -32.54 18.65 11.68
C ASP B 23 -32.06 19.97 11.05
N ASP B 24 -32.77 21.05 11.37
CA ASP B 24 -32.64 22.32 10.65
C ASP B 24 -31.25 22.90 10.72
N THR B 25 -30.52 22.53 11.75
CA THR B 25 -29.19 23.11 11.96
C THR B 25 -28.20 22.53 11.00
N LEU B 26 -28.61 21.50 10.28
CA LEU B 26 -27.75 20.81 9.32
C LEU B 26 -27.73 21.51 7.96
N VAL B 27 -28.73 22.35 7.68
CA VAL B 27 -28.83 23.04 6.42
C VAL B 27 -27.64 23.98 6.26
N GLN B 28 -26.98 23.91 5.11
CA GLN B 28 -25.87 24.79 4.82
C GLN B 28 -26.25 25.73 3.67
N PRO B 29 -25.35 26.65 3.30
CA PRO B 29 -25.60 27.66 2.28
C PRO B 29 -26.24 27.10 0.98
N SER B 30 -25.71 25.99 0.49
CA SER B 30 -26.31 25.36 -0.69
C SER B 30 -26.17 23.85 -0.66
N SER B 31 -26.48 23.27 0.50
CA SER B 31 -26.44 21.82 0.72
C SER B 31 -26.99 21.45 2.10
N ILE B 32 -27.03 20.15 2.37
CA ILE B 32 -27.43 19.69 3.68
C ILE B 32 -26.43 18.63 4.19
N ASP B 33 -26.00 18.80 5.43
CA ASP B 33 -25.11 17.86 6.06
C ASP B 33 -25.81 16.56 6.33
N VAL B 34 -25.08 15.46 6.18
CA VAL B 34 -25.63 14.14 6.52
C VAL B 34 -24.75 13.47 7.55
N ARG B 35 -25.31 12.46 8.22
CA ARG B 35 -24.62 11.81 9.32
C ARG B 35 -24.41 10.31 9.11
N LEU B 36 -23.51 9.75 9.90
CA LEU B 36 -23.10 8.34 9.75
C LEU B 36 -24.02 7.40 10.48
N ASP B 37 -24.49 6.38 9.78
CA ASP B 37 -25.26 5.30 10.39
C ASP B 37 -24.28 4.36 11.06
N CYS B 38 -24.80 3.34 11.77
CA CYS B 38 -23.96 2.53 12.63
C CYS B 38 -23.69 1.14 12.10
N LEU B 39 -24.29 0.78 10.96
CA LEU B 39 -24.02 -0.50 10.32
C LEU B 39 -22.99 -0.36 9.17
N PHE B 40 -22.05 -1.30 9.08
CA PHE B 40 -21.05 -1.27 8.05
C PHE B 40 -20.91 -2.63 7.39
N ARG B 41 -20.50 -2.65 6.12
CA ARG B 41 -20.14 -3.88 5.42
C ARG B 41 -18.64 -3.90 5.15
N VAL B 42 -17.97 -4.97 5.58
CA VAL B 42 -16.58 -5.21 5.24
C VAL B 42 -16.47 -6.40 4.29
N PHE B 43 -15.37 -6.46 3.56
CA PHE B 43 -15.19 -7.49 2.53
C PHE B 43 -14.46 -8.72 3.10
N ASN B 44 -15.00 -9.89 2.81
CA ASN B 44 -14.42 -11.14 3.26
C ASN B 44 -13.52 -11.74 2.20
N ASN B 45 -12.31 -11.22 2.08
CA ASN B 45 -11.46 -11.58 0.96
C ASN B 45 -10.64 -12.87 1.11
N THR B 46 -10.88 -13.63 2.18
CA THR B 46 -10.16 -14.88 2.37
C THR B 46 -10.88 -16.07 1.70
N ARG B 47 -12.11 -15.85 1.24
CA ARG B 47 -12.82 -16.93 0.55
C ARG B 47 -12.95 -16.73 -0.97
N TYR B 48 -12.57 -15.58 -1.47
CA TYR B 48 -12.70 -15.28 -2.90
C TYR B 48 -11.37 -14.91 -3.50
N THR B 49 -11.12 -15.35 -4.72
CA THR B 49 -9.92 -14.88 -5.41
C THR B 49 -10.15 -13.49 -6.00
N HIS B 50 -11.39 -13.20 -6.40
CA HIS B 50 -11.65 -11.94 -7.08
C HIS B 50 -13.12 -11.59 -7.13
N ILE B 51 -13.37 -10.31 -7.38
CA ILE B 51 -14.68 -9.76 -7.63
C ILE B 51 -14.97 -9.91 -9.13
N ASP B 52 -16.17 -10.40 -9.48
CA ASP B 52 -16.63 -10.39 -10.86
C ASP B 52 -18.02 -9.78 -10.96
N PRO B 53 -18.08 -8.53 -11.45
CA PRO B 53 -19.28 -7.69 -11.57
C PRO B 53 -20.44 -8.43 -12.26
N ALA B 54 -20.08 -9.38 -13.11
CA ALA B 54 -21.03 -10.13 -13.92
C ALA B 54 -21.67 -11.32 -13.18
N LYS B 55 -21.08 -11.70 -12.05
CA LYS B 55 -21.63 -12.77 -11.20
C LYS B 55 -22.26 -12.23 -9.93
N GLN B 56 -23.07 -13.11 -9.33
CA GLN B 56 -23.53 -12.96 -7.97
C GLN B 56 -22.52 -13.61 -7.03
N GLN B 57 -21.82 -12.78 -6.23
CA GLN B 57 -20.88 -13.26 -5.21
C GLN B 57 -21.48 -12.98 -3.82
N ASP B 58 -21.93 -14.04 -3.15
CA ASP B 58 -22.96 -13.90 -2.10
C ASP B 58 -22.48 -13.59 -0.70
N GLU B 59 -21.35 -14.16 -0.31
CA GLU B 59 -20.73 -13.80 0.96
C GLU B 59 -19.41 -13.03 0.70
N LEU B 60 -19.50 -11.97 -0.08
CA LEU B 60 -18.34 -11.12 -0.32
C LEU B 60 -18.14 -10.13 0.83
N THR B 61 -19.24 -9.71 1.45
CA THR B 61 -19.17 -8.70 2.48
C THR B 61 -19.91 -9.20 3.71
N SER B 62 -19.65 -8.58 4.86
CA SER B 62 -20.45 -8.93 6.05
C SER B 62 -20.85 -7.71 6.87
N LEU B 63 -22.00 -7.83 7.53
CA LEU B 63 -22.52 -6.80 8.44
C LEU B 63 -21.66 -6.62 9.68
N VAL B 64 -21.26 -5.40 9.96
CA VAL B 64 -20.44 -5.14 11.12
C VAL B 64 -20.97 -3.93 11.84
N GLN B 65 -21.09 -4.07 13.15
CA GLN B 65 -21.57 -3.00 14.00
C GLN B 65 -20.64 -2.92 15.18
N PRO B 66 -20.20 -1.71 15.53
CA PRO B 66 -19.43 -1.60 16.73
C PRO B 66 -20.36 -1.53 17.95
N VAL B 67 -19.76 -1.76 19.13
CA VAL B 67 -20.39 -1.55 20.43
C VAL B 67 -20.86 -0.11 20.62
N ASP B 68 -22.11 0.06 21.04
CA ASP B 68 -22.66 1.39 21.29
C ASP B 68 -21.65 2.16 22.12
N GLY B 69 -21.10 3.22 21.53
CA GLY B 69 -20.10 4.03 22.22
C GLY B 69 -18.68 3.74 21.77
N GLU B 70 -18.52 2.74 20.91
CA GLU B 70 -17.22 2.45 20.32
C GLU B 70 -17.15 3.00 18.89
N PRO B 71 -15.95 3.46 18.47
CA PRO B 71 -15.70 3.92 17.11
C PRO B 71 -15.48 2.75 16.18
N PHE B 72 -15.90 2.90 14.93
CA PHE B 72 -15.48 1.99 13.88
C PHE B 72 -14.10 2.46 13.45
N VAL B 73 -13.08 1.63 13.60
CA VAL B 73 -11.75 2.06 13.18
C VAL B 73 -11.57 1.73 11.71
N LEU B 74 -11.16 2.73 10.96
CA LEU B 74 -10.93 2.57 9.54
C LEU B 74 -9.47 2.90 9.21
N HIS B 75 -8.72 1.89 8.78
CA HIS B 75 -7.29 2.04 8.55
C HIS B 75 -7.02 2.33 7.10
N PRO B 76 -5.87 2.95 6.81
CA PRO B 76 -5.54 3.26 5.42
C PRO B 76 -5.58 2.01 4.57
N GLY B 77 -6.13 2.09 3.37
CA GLY B 77 -6.19 0.94 2.50
C GLY B 77 -7.38 0.02 2.69
N GLU B 78 -8.14 0.17 3.77
CA GLU B 78 -9.37 -0.64 3.91
C GLU B 78 -10.50 0.07 3.18
N PHE B 79 -11.42 -0.72 2.60
CA PHE B 79 -12.59 -0.20 1.93
C PHE B 79 -13.82 -0.76 2.67
N VAL B 80 -14.73 0.11 3.10
CA VAL B 80 -15.93 -0.33 3.80
C VAL B 80 -17.18 0.43 3.36
N LEU B 81 -18.32 -0.27 3.35
CA LEU B 81 -19.58 0.35 2.99
C LEU B 81 -20.36 0.75 4.24
N GLY B 82 -20.93 1.96 4.21
CA GLY B 82 -21.76 2.45 5.32
C GLY B 82 -23.00 3.12 4.76
N SER B 83 -23.74 3.84 5.62
CA SER B 83 -24.91 4.58 5.16
C SER B 83 -25.15 5.88 5.89
N THR B 84 -25.93 6.77 5.28
CA THR B 84 -26.42 7.95 5.97
C THR B 84 -27.46 7.50 6.98
N LEU B 85 -27.37 8.07 8.18
CA LEU B 85 -28.38 7.88 9.19
C LEU B 85 -29.78 8.30 8.68
N GLU B 86 -29.83 9.40 7.91
CA GLU B 86 -31.08 9.94 7.37
C GLU B 86 -31.68 9.07 6.25
N LEU B 87 -33.00 9.04 6.18
CA LEU B 87 -33.70 8.43 5.05
C LEU B 87 -34.14 9.51 4.06
N PHE B 88 -33.73 9.37 2.80
CA PHE B 88 -33.99 10.39 1.77
C PHE B 88 -35.04 10.01 0.77
N THR B 89 -35.84 10.99 0.36
CA THR B 89 -36.92 10.77 -0.58
C THR B 89 -36.96 11.89 -1.63
N LEU B 90 -36.46 11.62 -2.82
CA LEU B 90 -36.39 12.66 -3.86
C LEU B 90 -37.57 12.64 -4.81
N PRO B 91 -38.08 13.82 -5.17
CA PRO B 91 -39.03 13.95 -6.28
C PRO B 91 -38.37 13.77 -7.64
N ASP B 92 -39.18 13.82 -8.69
CA ASP B 92 -38.77 13.49 -10.05
C ASP B 92 -38.06 14.62 -10.78
N ASN B 93 -37.90 15.78 -10.11
CA ASN B 93 -37.24 16.93 -10.74
C ASN B 93 -35.95 17.37 -10.04
N LEU B 94 -35.48 16.58 -9.08
CA LEU B 94 -34.21 16.87 -8.42
C LEU B 94 -33.28 15.68 -8.37
N ALA B 95 -32.00 15.93 -8.57
CA ALA B 95 -31.01 14.91 -8.38
C ALA B 95 -30.08 15.33 -7.24
N GLY B 96 -29.37 14.39 -6.64
CA GLY B 96 -28.49 14.66 -5.51
C GLY B 96 -27.05 14.31 -5.81
N ARG B 97 -26.14 15.08 -5.22
CA ARG B 97 -24.71 14.86 -5.29
C ARG B 97 -24.16 14.90 -3.86
N LEU B 98 -23.48 13.84 -3.45
CA LEU B 98 -22.73 13.85 -2.19
C LEU B 98 -21.43 14.63 -2.40
N GLU B 99 -21.04 15.41 -1.40
CA GLU B 99 -19.72 16.06 -1.41
C GLU B 99 -19.11 15.89 -0.04
N GLY B 100 -17.78 15.94 0.04
CA GLY B 100 -17.11 15.77 1.31
C GLY B 100 -17.28 17.01 2.13
N LYS B 101 -17.06 16.91 3.44
CA LYS B 101 -16.96 18.10 4.27
C LYS B 101 -15.51 18.52 4.35
N SER B 102 -15.29 19.82 4.24
CA SER B 102 -13.96 20.40 4.23
C SER B 102 -13.15 19.95 5.43
N SER B 103 -13.84 19.78 6.54
CA SER B 103 -13.29 19.39 7.85
C SER B 103 -12.67 17.99 7.81
N LEU B 104 -13.43 17.07 7.26
CA LEU B 104 -13.02 15.68 7.21
C LEU B 104 -12.15 15.44 5.99
N GLY B 105 -12.31 16.30 5.01
CA GLY B 105 -11.50 16.28 3.80
C GLY B 105 -10.03 16.45 4.09
N ARG B 106 -9.73 17.35 5.03
CA ARG B 106 -8.38 17.67 5.37
C ARG B 106 -7.75 16.58 6.25
N LEU B 107 -8.56 15.62 6.66
CA LEU B 107 -8.10 14.53 7.49
C LEU B 107 -7.88 13.23 6.68
N GLY B 108 -8.17 13.25 5.38
CA GLY B 108 -7.88 12.12 4.48
C GLY B 108 -9.03 11.12 4.34
N LEU B 109 -10.22 11.55 4.76
CA LEU B 109 -11.38 10.67 4.69
C LEU B 109 -12.13 10.83 3.36
N LEU B 110 -12.37 9.71 2.68
CA LEU B 110 -13.26 9.68 1.52
C LEU B 110 -14.58 8.98 1.87
N THR B 111 -15.71 9.56 1.44
CA THR B 111 -17.00 8.98 1.79
C THR B 111 -17.89 8.47 0.62
N HIS B 112 -17.49 8.71 -0.62
CA HIS B 112 -18.31 8.28 -1.79
C HIS B 112 -17.45 8.19 -3.08
N SER B 113 -16.45 7.32 -3.08
CA SER B 113 -15.39 7.28 -4.13
C SER B 113 -15.69 7.52 -5.60
N THR B 114 -16.12 6.60 -6.50
CA THR B 114 -16.92 5.31 -6.48
C THR B 114 -18.33 5.54 -6.98
N ALA B 115 -19.07 6.43 -6.30
CA ALA B 115 -20.47 6.66 -6.61
C ALA B 115 -21.09 7.61 -5.60
N GLY B 116 -21.38 8.84 -6.03
CA GLY B 116 -22.03 9.81 -5.16
C GLY B 116 -23.16 10.53 -5.88
N PHE B 117 -23.68 9.90 -6.94
CA PHE B 117 -24.74 10.50 -7.75
C PHE B 117 -26.09 9.82 -7.53
N ILE B 118 -27.10 10.58 -7.12
CA ILE B 118 -28.37 9.98 -6.68
C ILE B 118 -29.49 10.40 -7.62
N ASP B 119 -30.07 9.41 -8.31
CA ASP B 119 -31.11 9.61 -9.31
C ASP B 119 -32.34 10.27 -8.73
N PRO B 120 -33.05 11.07 -9.55
CA PRO B 120 -34.33 11.57 -9.09
C PRO B 120 -35.27 10.40 -8.89
N GLY B 121 -36.13 10.48 -7.89
CA GLY B 121 -37.04 9.38 -7.60
C GLY B 121 -36.47 8.48 -6.52
N PHE B 122 -35.20 8.67 -6.17
CA PHE B 122 -34.59 7.79 -5.19
C PHE B 122 -35.24 7.88 -3.82
N SER B 123 -35.26 6.75 -3.14
CA SER B 123 -35.76 6.70 -1.79
C SER B 123 -35.01 5.62 -1.00
N GLY B 124 -34.41 6.03 0.13
CA GLY B 124 -33.65 5.10 0.97
C GLY B 124 -32.58 5.79 1.77
N HIS B 125 -31.76 4.98 2.44
CA HIS B 125 -30.55 5.47 3.09
C HIS B 125 -29.46 5.55 2.04
N ILE B 126 -28.72 6.64 1.98
CA ILE B 126 -27.70 6.75 0.94
C ILE B 126 -26.45 5.96 1.32
N THR B 127 -26.00 5.11 0.40
CA THR B 127 -24.82 4.27 0.60
C THR B 127 -23.55 5.11 0.59
N LEU B 128 -22.68 4.88 1.56
CA LEU B 128 -21.39 5.58 1.59
C LEU B 128 -20.28 4.58 1.29
N GLU B 129 -19.29 5.02 0.50
CA GLU B 129 -18.14 4.20 0.24
C GLU B 129 -17.00 4.77 1.03
N LEU B 130 -16.57 4.11 2.09
CA LEU B 130 -15.57 4.75 2.99
C LEU B 130 -14.13 4.38 2.72
N SER B 131 -13.27 5.39 2.65
CA SER B 131 -11.83 5.16 2.45
C SER B 131 -10.97 6.15 3.19
N ASN B 132 -9.75 5.72 3.51
CA ASN B 132 -8.80 6.48 4.29
C ASN B 132 -7.50 6.56 3.52
N VAL B 133 -7.19 7.70 2.93
CA VAL B 133 -5.98 7.83 2.14
C VAL B 133 -4.89 8.55 2.91
N ALA B 134 -5.14 8.80 4.19
CA ALA B 134 -4.14 9.38 5.06
C ALA B 134 -3.10 8.34 5.47
N ASN B 135 -2.22 8.67 6.40
CA ASN B 135 -1.20 7.74 6.86
C ASN B 135 -1.39 7.35 8.33
N LEU B 136 -2.61 7.54 8.83
CA LEU B 136 -3.00 7.08 10.16
C LEU B 136 -4.41 6.52 10.09
N PRO B 137 -4.77 5.64 11.02
CA PRO B 137 -6.16 5.22 11.15
C PRO B 137 -7.03 6.38 11.58
N ILE B 138 -8.30 6.34 11.16
CA ILE B 138 -9.31 7.35 11.52
C ILE B 138 -10.42 6.71 12.32
N THR B 139 -10.76 7.27 13.48
CA THR B 139 -11.87 6.73 14.29
C THR B 139 -13.18 7.34 13.87
N LEU B 140 -14.11 6.49 13.44
CA LEU B 140 -15.44 6.89 12.97
C LEU B 140 -16.48 6.74 14.06
N TRP B 141 -17.19 7.82 14.39
CA TRP B 141 -18.26 7.75 15.42
C TRP B 141 -19.63 7.77 14.77
N PRO B 142 -20.39 6.69 14.92
CA PRO B 142 -21.74 6.76 14.35
C PRO B 142 -22.47 7.97 14.90
N GLY B 143 -23.24 8.63 14.01
CA GLY B 143 -23.98 9.83 14.37
C GLY B 143 -23.27 11.11 14.00
N MET B 144 -21.98 11.02 13.70
CA MET B 144 -21.19 12.20 13.34
C MET B 144 -21.55 12.72 11.96
N LYS B 145 -21.32 14.01 11.74
CA LYS B 145 -21.47 14.56 10.42
C LYS B 145 -20.41 13.92 9.56
N ILE B 146 -20.81 13.33 8.44
CA ILE B 146 -19.86 12.64 7.57
C ILE B 146 -19.68 13.27 6.20
N GLY B 147 -20.60 14.15 5.79
CA GLY B 147 -20.54 14.75 4.46
C GLY B 147 -21.75 15.62 4.21
N GLN B 148 -21.96 15.99 2.96
CA GLN B 148 -23.08 16.87 2.63
C GLN B 148 -23.73 16.51 1.32
N LEU B 149 -25.03 16.80 1.20
CA LEU B 149 -25.79 16.45 0.01
C LEU B 149 -26.29 17.73 -0.65
N CYS B 150 -26.02 17.84 -1.96
CA CYS B 150 -26.52 18.95 -2.77
C CYS B 150 -27.71 18.52 -3.57
N MET B 151 -28.60 19.45 -3.83
CA MET B 151 -29.70 19.19 -4.75
C MET B 151 -29.54 19.95 -6.06
N LEU B 152 -29.62 19.22 -7.17
CA LEU B 152 -29.57 19.78 -8.51
C LEU B 152 -30.94 19.74 -9.14
N ARG B 153 -31.39 20.87 -9.68
CA ARG B 153 -32.65 20.94 -10.41
C ARG B 153 -32.45 20.41 -11.84
N LEU B 154 -33.39 19.57 -12.29
CA LEU B 154 -33.34 19.08 -13.66
C LEU B 154 -34.05 20.08 -14.58
N THR B 155 -33.66 20.07 -15.86
CA THR B 155 -34.26 20.97 -16.85
C THR B 155 -35.76 20.75 -16.97
N SER B 156 -36.22 19.55 -16.62
CA SER B 156 -37.66 19.22 -16.59
C SER B 156 -37.84 17.87 -15.91
N PRO B 157 -39.02 17.61 -15.34
CA PRO B 157 -39.33 16.33 -14.66
C PRO B 157 -38.95 15.12 -15.49
N SER B 158 -38.49 14.04 -14.85
CA SER B 158 -38.12 12.87 -15.65
C SER B 158 -39.29 11.90 -15.93
N GLU B 159 -39.15 11.07 -16.98
CA GLU B 159 -40.23 10.12 -17.40
C GLU B 159 -40.75 9.19 -16.29
N MET C 1 -27.13 23.04 -14.71
CA MET C 1 -28.49 22.44 -14.88
C MET C 1 -28.47 21.11 -15.62
N LEU C 2 -29.04 20.09 -14.99
CA LEU C 2 -28.87 18.74 -15.47
C LEU C 2 -29.95 18.35 -16.46
N LEU C 3 -29.53 17.96 -17.67
CA LEU C 3 -30.45 17.50 -18.69
C LEU C 3 -31.18 16.19 -18.32
N SER C 4 -32.50 16.17 -18.52
CA SER C 4 -33.29 14.96 -18.25
C SER C 4 -33.23 14.01 -19.43
N ASP C 5 -33.72 12.79 -19.26
CA ASP C 5 -33.69 11.81 -20.33
C ASP C 5 -34.36 12.36 -21.58
N ARG C 6 -35.50 13.03 -21.40
CA ARG C 6 -36.19 13.64 -22.54
C ARG C 6 -35.36 14.69 -23.24
N ASP C 7 -34.70 15.53 -22.46
CA ASP C 7 -33.85 16.56 -23.06
C ASP C 7 -32.59 15.97 -23.70
N LEU C 8 -32.02 14.91 -23.13
CA LEU C 8 -30.86 14.27 -23.74
C LEU C 8 -31.28 13.71 -25.08
N ARG C 9 -32.46 13.10 -25.13
CA ARG C 9 -32.96 12.54 -26.37
C ARG C 9 -33.19 13.63 -27.42
N ALA C 10 -33.69 14.79 -26.99
CA ALA C 10 -33.91 15.91 -27.89
C ALA C 10 -32.60 16.41 -28.51
N GLU C 11 -31.57 16.57 -27.68
CA GLU C 11 -30.26 16.98 -28.14
C GLU C 11 -29.64 15.96 -29.07
N ILE C 12 -29.82 14.67 -28.78
CA ILE C 12 -29.25 13.65 -29.62
C ILE C 12 -29.99 13.58 -30.95
N SER C 13 -31.31 13.56 -30.88
CA SER C 13 -32.13 13.32 -32.06
C SER C 13 -32.05 14.49 -33.01
N SER C 14 -31.46 15.58 -32.54
CA SER C 14 -31.28 16.79 -33.37
C SER C 14 -29.83 17.01 -33.76
N GLY C 15 -28.96 16.05 -33.40
CA GLY C 15 -27.57 16.10 -33.84
C GLY C 15 -26.65 17.09 -33.14
N ARG C 16 -27.16 17.82 -32.16
CA ARG C 16 -26.31 18.75 -31.41
C ARG C 16 -25.40 18.04 -30.40
N LEU C 17 -25.81 16.87 -29.90
CA LEU C 17 -24.94 16.01 -29.12
C LEU C 17 -24.68 14.69 -29.85
N GLY C 18 -23.42 14.50 -30.23
CA GLY C 18 -22.99 13.29 -30.95
C GLY C 18 -22.63 12.12 -30.04
N ILE C 19 -23.26 10.98 -30.27
CA ILE C 19 -22.96 9.78 -29.53
C ILE C 19 -22.92 8.63 -30.51
N ASP C 20 -21.74 8.09 -30.75
CA ASP C 20 -21.56 7.04 -31.74
C ASP C 20 -20.71 5.94 -31.12
N PRO C 21 -21.26 4.73 -30.93
CA PRO C 21 -22.57 4.33 -31.37
C PRO C 21 -23.61 4.58 -30.29
N PHE C 22 -24.82 4.89 -30.71
CA PHE C 22 -25.90 5.29 -29.82
C PHE C 22 -26.79 4.09 -29.52
N ASP C 23 -27.18 3.95 -28.25
CA ASP C 23 -28.07 2.87 -27.81
C ASP C 23 -29.09 3.43 -26.81
N ASP C 24 -30.35 3.53 -27.24
CA ASP C 24 -31.35 4.23 -26.46
C ASP C 24 -31.65 3.55 -25.13
N THR C 25 -31.34 2.27 -25.00
CA THR C 25 -31.63 1.60 -23.74
C THR C 25 -30.67 2.06 -22.66
N LEU C 26 -29.64 2.81 -23.07
CA LEU C 26 -28.60 3.26 -22.14
C LEU C 26 -28.97 4.55 -21.40
N VAL C 27 -29.92 5.28 -21.97
CA VAL C 27 -30.36 6.55 -21.39
C VAL C 27 -31.05 6.34 -20.02
N GLN C 28 -30.58 7.07 -19.01
CA GLN C 28 -31.12 6.95 -17.67
C GLN C 28 -31.90 8.20 -17.36
N PRO C 29 -32.62 8.24 -16.21
CA PRO C 29 -33.37 9.39 -15.76
C PRO C 29 -32.70 10.72 -16.06
N SER C 30 -31.42 10.87 -15.72
CA SER C 30 -30.75 12.12 -15.91
C SER C 30 -29.28 11.96 -16.28
N SER C 31 -29.02 11.02 -17.18
CA SER C 31 -27.66 10.67 -17.56
C SER C 31 -27.68 9.61 -18.63
N ILE C 32 -26.53 9.27 -19.18
CA ILE C 32 -26.46 8.12 -20.08
C ILE C 32 -25.29 7.22 -19.70
N ASP C 33 -25.56 5.92 -19.70
CA ASP C 33 -24.55 4.90 -19.51
C ASP C 33 -23.46 4.91 -20.60
N VAL C 34 -22.24 4.66 -20.19
CA VAL C 34 -21.11 4.54 -21.11
C VAL C 34 -20.48 3.17 -20.94
N ARG C 35 -19.78 2.72 -21.98
CA ARG C 35 -19.22 1.38 -21.99
C ARG C 35 -17.71 1.39 -22.14
N LEU C 36 -17.08 0.30 -21.72
CA LEU C 36 -15.63 0.15 -21.68
C LEU C 36 -15.04 -0.27 -23.02
N ASP C 37 -14.12 0.52 -23.56
CA ASP C 37 -13.40 0.12 -24.78
C ASP C 37 -12.36 -0.90 -24.41
N CYS C 38 -11.69 -1.48 -25.41
CA CYS C 38 -10.79 -2.62 -25.15
C CYS C 38 -9.29 -2.28 -25.19
N LEU C 39 -8.93 -1.03 -25.34
CA LEU C 39 -7.50 -0.65 -25.32
C LEU C 39 -7.12 0.06 -24.01
N PHE C 40 -5.99 -0.33 -23.44
CA PHE C 40 -5.63 0.19 -22.14
C PHE C 40 -4.18 0.69 -22.19
N ARG C 41 -3.85 1.64 -21.32
CA ARG C 41 -2.46 2.06 -21.14
C ARG C 41 -2.00 1.74 -19.72
N VAL C 42 -0.88 1.03 -19.61
CA VAL C 42 -0.26 0.74 -18.33
C VAL C 42 1.04 1.51 -18.23
N PHE C 43 1.51 1.76 -17.02
CA PHE C 43 2.72 2.57 -16.84
C PHE C 43 3.99 1.71 -16.72
N ASN C 44 5.02 2.08 -17.46
CA ASN C 44 6.31 1.37 -17.47
C ASN C 44 7.26 1.93 -16.41
N ASN C 45 7.06 1.60 -15.15
CA ASN C 45 7.78 2.26 -14.08
C ASN C 45 9.17 1.70 -13.78
N THR C 46 9.66 0.75 -14.57
CA THR C 46 11.04 0.27 -14.38
C THR C 46 12.10 1.11 -15.13
N ARG C 47 11.67 2.03 -16.00
CA ARG C 47 12.62 2.88 -16.74
C ARG C 47 12.72 4.29 -16.19
N TYR C 48 11.73 4.71 -15.41
CA TYR C 48 11.69 6.08 -14.90
C TYR C 48 11.74 6.16 -13.38
N THR C 49 12.44 7.15 -12.86
CA THR C 49 12.46 7.38 -11.43
C THR C 49 11.19 8.08 -11.02
N HIS C 50 10.63 8.90 -11.91
CA HIS C 50 9.52 9.78 -11.56
C HIS C 50 8.82 10.38 -12.76
N ILE C 51 7.57 10.79 -12.56
CA ILE C 51 6.83 11.60 -13.54
C ILE C 51 7.08 13.09 -13.32
N ASP C 52 7.37 13.80 -14.39
CA ASP C 52 7.47 15.27 -14.33
C ASP C 52 6.48 15.87 -15.30
N PRO C 53 5.37 16.44 -14.78
CA PRO C 53 4.36 17.02 -15.65
C PRO C 53 4.91 18.12 -16.58
N ALA C 54 6.03 18.75 -16.20
CA ALA C 54 6.63 19.81 -17.03
C ALA C 54 7.44 19.28 -18.20
N LYS C 55 7.77 17.99 -18.17
CA LYS C 55 8.52 17.33 -19.23
C LYS C 55 7.64 16.44 -20.07
N GLN C 56 8.14 16.03 -21.23
CA GLN C 56 7.50 14.94 -21.98
C GLN C 56 8.25 13.61 -21.80
N GLN C 57 7.50 12.54 -21.56
CA GLN C 57 8.07 11.22 -21.30
C GLN C 57 7.33 10.19 -22.15
N ASP C 58 7.81 10.01 -23.37
CA ASP C 58 7.10 9.23 -24.40
C ASP C 58 7.23 7.72 -24.25
N GLU C 59 7.94 7.25 -23.23
CA GLU C 59 7.93 5.81 -22.93
C GLU C 59 7.09 5.49 -21.70
N LEU C 60 6.49 6.51 -21.10
CA LEU C 60 5.75 6.39 -19.83
C LEU C 60 4.64 5.33 -19.75
N THR C 61 4.00 5.01 -20.87
CA THR C 61 2.93 4.01 -20.89
C THR C 61 3.04 3.11 -22.12
N SER C 62 2.34 1.99 -22.10
CA SER C 62 2.22 1.13 -23.28
C SER C 62 0.76 0.76 -23.53
N LEU C 63 0.45 0.54 -24.80
CA LEU C 63 -0.86 0.14 -25.25
C LEU C 63 -1.06 -1.36 -25.03
N VAL C 64 -2.17 -1.78 -24.45
CA VAL C 64 -2.45 -3.22 -24.33
C VAL C 64 -3.87 -3.61 -24.71
N GLN C 65 -4.03 -4.88 -25.09
CA GLN C 65 -5.35 -5.44 -25.35
C GLN C 65 -5.42 -6.90 -24.90
N PRO C 66 -6.33 -7.20 -23.97
CA PRO C 66 -6.62 -8.58 -23.60
C PRO C 66 -6.85 -9.48 -24.82
N VAL C 67 -6.32 -10.69 -24.73
CA VAL C 67 -6.58 -11.73 -25.69
C VAL C 67 -8.09 -11.94 -25.76
N ASP C 68 -8.62 -12.29 -26.92
CA ASP C 68 -10.04 -12.50 -27.07
C ASP C 68 -10.54 -13.53 -26.08
N GLY C 69 -11.63 -13.22 -25.40
CA GLY C 69 -12.20 -14.09 -24.37
C GLY C 69 -11.55 -13.92 -23.00
N GLU C 70 -10.48 -13.15 -22.94
CA GLU C 70 -9.89 -12.84 -21.65
C GLU C 70 -10.39 -11.51 -21.12
N PRO C 71 -10.35 -11.33 -19.78
CA PRO C 71 -10.55 -10.04 -19.12
C PRO C 71 -9.25 -9.23 -18.99
N PHE C 72 -9.41 -7.95 -18.64
CA PHE C 72 -8.31 -7.16 -18.11
C PHE C 72 -8.47 -7.18 -16.59
N VAL C 73 -7.48 -7.75 -15.92
CA VAL C 73 -7.54 -7.85 -14.47
C VAL C 73 -6.92 -6.64 -13.80
N LEU C 74 -7.71 -5.93 -12.99
CA LEU C 74 -7.22 -4.72 -12.32
C LEU C 74 -7.00 -5.03 -10.86
N HIS C 75 -5.73 -5.05 -10.47
CA HIS C 75 -5.39 -5.32 -9.07
C HIS C 75 -5.40 -4.06 -8.24
N PRO C 76 -5.68 -4.20 -6.93
CA PRO C 76 -5.61 -3.07 -6.02
C PRO C 76 -4.29 -2.33 -6.13
N GLY C 77 -4.34 -1.01 -6.16
CA GLY C 77 -3.11 -0.24 -6.23
C GLY C 77 -2.54 -0.01 -7.62
N GLU C 78 -3.13 -0.65 -8.63
CA GLU C 78 -2.69 -0.45 -9.99
C GLU C 78 -3.47 0.72 -10.61
N PHE C 79 -2.82 1.48 -11.48
CA PHE C 79 -3.44 2.62 -12.13
C PHE C 79 -3.38 2.41 -13.63
N VAL C 80 -4.53 2.38 -14.31
CA VAL C 80 -4.51 2.24 -15.77
C VAL C 80 -5.50 3.15 -16.49
N LEU C 81 -5.15 3.54 -17.71
CA LEU C 81 -5.96 4.43 -18.54
C LEU C 81 -6.74 3.63 -19.56
N GLY C 82 -8.03 3.93 -19.66
CA GLY C 82 -8.89 3.29 -20.64
C GLY C 82 -9.73 4.33 -21.37
N SER C 83 -10.71 3.88 -22.15
CA SER C 83 -11.56 4.77 -22.93
C SER C 83 -13.01 4.29 -22.99
N THR C 84 -13.93 5.24 -23.21
CA THR C 84 -15.31 4.88 -23.47
C THR C 84 -15.33 4.34 -24.87
N LEU C 85 -16.12 3.29 -25.07
CA LEU C 85 -16.42 2.72 -26.36
C LEU C 85 -16.99 3.77 -27.31
N GLU C 86 -17.92 4.57 -26.79
CA GLU C 86 -18.61 5.57 -27.58
C GLU C 86 -17.70 6.74 -27.96
N LEU C 87 -18.02 7.37 -29.08
CA LEU C 87 -17.39 8.65 -29.42
C LEU C 87 -18.39 9.77 -29.18
N PHE C 88 -17.97 10.75 -28.38
CA PHE C 88 -18.82 11.87 -27.97
C PHE C 88 -18.50 13.16 -28.69
N THR C 89 -19.53 13.91 -29.04
CA THR C 89 -19.34 15.24 -29.60
C THR C 89 -20.27 16.23 -28.93
N LEU C 90 -19.70 17.14 -28.15
CA LEU C 90 -20.49 18.14 -27.43
C LEU C 90 -20.58 19.49 -28.16
N PRO C 91 -21.73 20.16 -28.04
CA PRO C 91 -21.91 21.47 -28.61
C PRO C 91 -21.37 22.52 -27.65
N ASP C 92 -21.53 23.78 -27.98
CA ASP C 92 -20.92 24.89 -27.28
C ASP C 92 -21.61 25.32 -25.98
N ASN C 93 -22.73 24.69 -25.63
CA ASN C 93 -23.52 25.12 -24.48
C ASN C 93 -23.83 24.00 -23.50
N LEU C 94 -23.10 22.90 -23.64
CA LEU C 94 -23.24 21.74 -22.76
C LEU C 94 -21.86 21.29 -22.25
N ALA C 95 -21.79 20.94 -20.97
CA ALA C 95 -20.60 20.29 -20.43
C ALA C 95 -20.95 18.91 -19.89
N GLY C 96 -19.97 18.03 -19.78
CA GLY C 96 -20.20 16.69 -19.29
C GLY C 96 -19.48 16.36 -17.98
N ARG C 97 -20.14 15.53 -17.16
CA ARG C 97 -19.50 14.96 -15.99
C ARG C 97 -19.67 13.46 -15.97
N LEU C 98 -18.58 12.73 -15.80
CA LEU C 98 -18.69 11.29 -15.54
C LEU C 98 -19.11 11.05 -14.10
N GLU C 99 -19.96 10.05 -13.88
CA GLU C 99 -20.25 9.58 -12.52
C GLU C 99 -20.10 8.07 -12.53
N GLY C 100 -19.81 7.49 -11.37
CA GLY C 100 -19.74 6.04 -11.28
C GLY C 100 -21.11 5.39 -11.32
N LYS C 101 -21.18 4.11 -11.69
CA LYS C 101 -22.42 3.34 -11.51
C LYS C 101 -22.51 2.83 -10.10
N SER C 102 -23.68 2.96 -9.47
CA SER C 102 -23.90 2.45 -8.12
C SER C 102 -23.48 0.98 -7.95
N SER C 103 -23.71 0.21 -9.01
CA SER C 103 -23.36 -1.20 -9.09
C SER C 103 -21.88 -1.43 -8.89
N LEU C 104 -21.09 -0.76 -9.70
CA LEU C 104 -19.67 -0.99 -9.69
C LEU C 104 -19.03 -0.22 -8.56
N GLY C 105 -19.72 0.83 -8.10
CA GLY C 105 -19.25 1.64 -6.98
C GLY C 105 -19.14 0.86 -5.69
N ARG C 106 -20.06 -0.07 -5.46
CA ARG C 106 -20.03 -0.91 -4.29
C ARG C 106 -18.99 -2.00 -4.38
N LEU C 107 -18.38 -2.13 -5.56
CA LEU C 107 -17.38 -3.15 -5.76
C LEU C 107 -15.95 -2.60 -5.65
N GLY C 108 -15.79 -1.30 -5.47
CA GLY C 108 -14.47 -0.69 -5.23
C GLY C 108 -13.80 -0.15 -6.49
N LEU C 109 -14.60 -0.01 -7.55
CA LEU C 109 -14.12 0.40 -8.84
C LEU C 109 -14.19 1.93 -9.03
N LEU C 110 -13.05 2.54 -9.31
CA LEU C 110 -13.02 3.96 -9.69
C LEU C 110 -12.75 4.09 -11.19
N THR C 111 -13.48 4.98 -11.85
CA THR C 111 -13.37 5.14 -13.30
C THR C 111 -12.82 6.49 -13.82
N HIS C 112 -12.73 7.49 -12.95
CA HIS C 112 -12.35 8.86 -13.37
C HIS C 112 -11.83 9.71 -12.21
N SER C 113 -10.71 9.29 -11.62
CA SER C 113 -10.22 9.81 -10.33
C SER C 113 -10.25 11.33 -9.97
N THR C 114 -9.31 12.24 -10.28
CA THR C 114 -8.28 12.46 -11.35
C THR C 114 -8.77 13.41 -12.44
N ALA C 115 -9.93 13.15 -13.03
CA ALA C 115 -10.46 13.97 -14.13
C ALA C 115 -11.72 13.38 -14.76
N GLY C 116 -12.88 13.92 -14.44
CA GLY C 116 -14.11 13.50 -15.10
C GLY C 116 -14.93 14.64 -15.69
N PHE C 117 -14.28 15.80 -15.89
CA PHE C 117 -14.97 16.97 -16.43
C PHE C 117 -14.69 17.19 -17.91
N ILE C 118 -15.74 17.27 -18.72
CA ILE C 118 -15.61 17.36 -20.16
C ILE C 118 -16.07 18.71 -20.69
N ASP C 119 -15.13 19.46 -21.28
CA ASP C 119 -15.40 20.80 -21.80
C ASP C 119 -16.44 20.82 -22.91
N PRO C 120 -17.28 21.85 -22.97
CA PRO C 120 -18.06 22.07 -24.18
C PRO C 120 -17.19 22.18 -25.44
N GLY C 121 -17.69 21.64 -26.54
CA GLY C 121 -16.89 21.58 -27.76
C GLY C 121 -16.04 20.33 -27.86
N PHE C 122 -15.92 19.58 -26.77
CA PHE C 122 -15.20 18.30 -26.78
C PHE C 122 -15.67 17.33 -27.85
N SER C 123 -14.73 16.63 -28.46
CA SER C 123 -15.04 15.54 -29.38
C SER C 123 -13.97 14.46 -29.31
N GLY C 124 -14.40 13.25 -29.01
CA GLY C 124 -13.50 12.12 -28.90
C GLY C 124 -14.03 11.01 -28.01
N HIS C 125 -13.21 9.99 -27.81
CA HIS C 125 -13.50 8.98 -26.81
C HIS C 125 -13.10 9.53 -25.45
N ILE C 126 -13.96 9.38 -24.46
CA ILE C 126 -13.67 9.90 -23.14
C ILE C 126 -12.64 9.01 -22.39
N THR C 127 -11.56 9.63 -21.93
CA THR C 127 -10.52 8.94 -21.20
C THR C 127 -11.00 8.51 -19.82
N LEU C 128 -10.71 7.27 -19.45
CA LEU C 128 -11.10 6.76 -18.14
C LEU C 128 -9.83 6.52 -17.34
N GLU C 129 -9.85 6.91 -16.07
CA GLU C 129 -8.73 6.60 -15.19
C GLU C 129 -9.17 5.50 -14.24
N LEU C 130 -8.64 4.29 -14.43
CA LEU C 130 -9.19 3.16 -13.68
C LEU C 130 -8.39 2.81 -12.42
N SER C 131 -9.11 2.60 -11.32
CA SER C 131 -8.53 2.29 -10.02
C SER C 131 -9.36 1.30 -9.27
N ASN C 132 -8.71 0.48 -8.47
CA ASN C 132 -9.41 -0.46 -7.63
C ASN C 132 -8.96 -0.26 -6.20
N VAL C 133 -9.87 0.21 -5.33
CA VAL C 133 -9.53 0.45 -3.94
C VAL C 133 -10.17 -0.60 -3.03
N ALA C 134 -10.66 -1.67 -3.65
CA ALA C 134 -11.14 -2.80 -2.87
C ALA C 134 -9.93 -3.63 -2.41
N ASN C 135 -10.19 -4.79 -1.83
CA ASN C 135 -9.09 -5.69 -1.50
C ASN C 135 -9.15 -7.05 -2.18
N LEU C 136 -9.69 -7.05 -3.40
CA LEU C 136 -9.50 -8.12 -4.36
C LEU C 136 -9.29 -7.53 -5.76
N PRO C 137 -8.67 -8.31 -6.64
CA PRO C 137 -8.74 -8.04 -8.07
C PRO C 137 -10.17 -7.91 -8.58
N ILE C 138 -10.38 -7.03 -9.55
CA ILE C 138 -11.63 -6.98 -10.32
C ILE C 138 -11.37 -7.32 -11.78
N THR C 139 -12.16 -8.23 -12.34
CA THR C 139 -12.10 -8.55 -13.78
C THR C 139 -12.95 -7.61 -14.64
N LEU C 140 -12.30 -6.86 -15.53
CA LEU C 140 -13.00 -5.96 -16.44
C LEU C 140 -13.22 -6.58 -17.81
N TRP C 141 -14.48 -6.55 -18.25
CA TRP C 141 -14.88 -7.07 -19.56
C TRP C 141 -15.12 -5.95 -20.56
N PRO C 142 -14.31 -5.89 -21.59
CA PRO C 142 -14.50 -4.94 -22.68
C PRO C 142 -15.97 -4.96 -23.06
N GLY C 143 -16.62 -3.79 -23.15
CA GLY C 143 -17.99 -3.72 -23.67
C GLY C 143 -18.97 -3.51 -22.57
N MET C 144 -18.56 -3.81 -21.34
CA MET C 144 -19.43 -3.68 -20.17
C MET C 144 -19.78 -2.21 -19.90
N LYS C 145 -20.93 -2.01 -19.28
CA LYS C 145 -21.27 -0.69 -18.76
C LYS C 145 -20.24 -0.35 -17.67
N ILE C 146 -19.60 0.80 -17.80
CA ILE C 146 -18.48 1.19 -16.93
C ILE C 146 -18.82 2.43 -16.06
N GLY C 147 -19.84 3.19 -16.44
CA GLY C 147 -20.18 4.41 -15.73
C GLY C 147 -21.31 5.17 -16.43
N GLN C 148 -21.45 6.44 -16.11
CA GLN C 148 -22.53 7.22 -16.71
C GLN C 148 -22.11 8.68 -16.92
N LEU C 149 -22.66 9.29 -17.97
CA LEU C 149 -22.32 10.64 -18.37
C LEU C 149 -23.50 11.60 -18.18
N CYS C 150 -23.31 12.68 -17.42
CA CYS C 150 -24.35 13.67 -17.21
C CYS C 150 -24.06 14.88 -18.06
N MET C 151 -25.11 15.52 -18.59
CA MET C 151 -24.93 16.77 -19.31
C MET C 151 -25.39 17.95 -18.45
N LEU C 152 -24.52 18.94 -18.30
CA LEU C 152 -24.89 20.18 -17.63
C LEU C 152 -25.04 21.35 -18.60
N ARG C 153 -26.14 22.08 -18.51
CA ARG C 153 -26.35 23.23 -19.39
C ARG C 153 -25.57 24.41 -18.87
N LEU C 154 -24.92 25.16 -19.77
CA LEU C 154 -24.22 26.38 -19.42
C LEU C 154 -25.19 27.56 -19.40
N THR C 155 -24.87 28.59 -18.63
CA THR C 155 -25.72 29.77 -18.59
C THR C 155 -25.84 30.45 -19.95
N SER C 156 -24.87 30.22 -20.82
CA SER C 156 -24.89 30.74 -22.18
C SER C 156 -23.77 30.07 -22.96
N PRO C 157 -23.89 30.05 -24.28
CA PRO C 157 -22.90 29.43 -25.15
C PRO C 157 -21.49 29.98 -24.94
N SER C 158 -20.47 29.13 -25.11
CA SER C 158 -19.07 29.48 -24.89
C SER C 158 -18.47 30.30 -26.03
N GLU C 159 -17.64 31.29 -25.69
CA GLU C 159 -16.99 32.19 -26.65
C GLU C 159 -16.03 31.48 -27.62
N MET D 1 28.09 -23.94 11.67
CA MET D 1 29.43 -23.32 11.87
C MET D 1 29.86 -22.49 10.65
N LEU D 2 30.22 -21.24 10.93
CA LEU D 2 30.41 -20.24 9.91
C LEU D 2 31.86 -20.17 9.44
N LEU D 3 32.09 -20.37 8.14
CA LEU D 3 33.42 -20.31 7.56
C LEU D 3 34.01 -18.90 7.63
N SER D 4 35.27 -18.78 8.05
CA SER D 4 35.96 -17.49 8.06
C SER D 4 36.58 -17.19 6.70
N ASP D 5 37.02 -15.95 6.51
CA ASP D 5 37.63 -15.56 5.25
C ASP D 5 38.67 -16.59 4.84
N ARG D 6 39.55 -16.95 5.76
CA ARG D 6 40.63 -17.83 5.42
C ARG D 6 40.11 -19.21 5.00
N ASP D 7 39.11 -19.73 5.70
CA ASP D 7 38.49 -21.00 5.30
C ASP D 7 37.73 -20.94 3.99
N LEU D 8 37.10 -19.79 3.69
CA LEU D 8 36.45 -19.63 2.39
C LEU D 8 37.51 -19.64 1.30
N ARG D 9 38.61 -18.94 1.54
CA ARG D 9 39.71 -18.94 0.60
C ARG D 9 40.24 -20.37 0.34
N ALA D 10 40.35 -21.16 1.41
CA ALA D 10 40.86 -22.52 1.28
C ALA D 10 39.93 -23.35 0.41
N GLU D 11 38.63 -23.24 0.68
CA GLU D 11 37.66 -24.02 -0.07
C GLU D 11 37.59 -23.57 -1.53
N ILE D 12 37.81 -22.29 -1.77
CA ILE D 12 37.75 -21.81 -3.15
C ILE D 12 39.02 -22.17 -3.92
N SER D 13 40.18 -21.96 -3.29
CA SER D 13 41.43 -22.21 -4.00
C SER D 13 41.68 -23.70 -4.16
N SER D 14 40.79 -24.53 -3.61
CA SER D 14 40.87 -25.99 -3.73
C SER D 14 39.81 -26.53 -4.68
N GLY D 15 38.95 -25.64 -5.16
CA GLY D 15 37.90 -26.01 -6.12
C GLY D 15 36.67 -26.70 -5.55
N ARG D 16 36.62 -26.90 -4.24
CA ARG D 16 35.45 -27.50 -3.62
C ARG D 16 34.27 -26.52 -3.55
N LEU D 17 34.58 -25.23 -3.51
CA LEU D 17 33.55 -24.17 -3.64
C LEU D 17 33.72 -23.37 -4.94
N GLY D 18 32.76 -23.53 -5.86
CA GLY D 18 32.84 -22.88 -7.18
C GLY D 18 32.28 -21.48 -7.17
N ILE D 19 33.09 -20.50 -7.54
CA ILE D 19 32.60 -19.15 -7.72
C ILE D 19 33.17 -18.60 -9.00
N ASP D 20 32.31 -18.37 -9.97
CA ASP D 20 32.76 -17.77 -11.20
C ASP D 20 31.79 -16.69 -11.68
N PRO D 21 32.29 -15.46 -11.87
CA PRO D 21 33.68 -15.09 -11.70
C PRO D 21 34.04 -14.77 -10.26
N PHE D 22 35.24 -15.12 -9.84
CA PHE D 22 35.69 -14.86 -8.48
C PHE D 22 36.56 -13.60 -8.40
N ASP D 23 36.40 -12.86 -7.32
CA ASP D 23 37.12 -11.61 -7.10
C ASP D 23 37.49 -11.54 -5.62
N ASP D 24 38.77 -11.65 -5.32
CA ASP D 24 39.17 -11.84 -3.91
C ASP D 24 38.94 -10.61 -3.04
N THR D 25 38.74 -9.44 -3.65
CA THR D 25 38.49 -8.25 -2.87
C THR D 25 37.08 -8.28 -2.29
N LEU D 26 36.27 -9.25 -2.72
CA LEU D 26 34.88 -9.37 -2.25
C LEU D 26 34.76 -10.17 -0.97
N VAL D 27 35.78 -10.95 -0.65
CA VAL D 27 35.74 -11.76 0.57
C VAL D 27 35.69 -10.88 1.80
N GLN D 28 34.81 -11.23 2.74
CA GLN D 28 34.66 -10.44 3.93
C GLN D 28 34.99 -11.33 5.13
N PRO D 29 35.08 -10.74 6.33
CA PRO D 29 35.48 -11.49 7.51
C PRO D 29 34.89 -12.90 7.59
N SER D 30 33.58 -13.05 7.40
CA SER D 30 33.00 -14.40 7.41
C SER D 30 31.89 -14.53 6.39
N SER D 31 32.16 -14.00 5.20
CA SER D 31 31.22 -14.13 4.10
C SER D 31 31.84 -13.59 2.82
N ILE D 32 31.08 -13.63 1.75
CA ILE D 32 31.54 -13.07 0.49
C ILE D 32 30.42 -12.25 -0.17
N ASP D 33 30.78 -11.05 -0.62
CA ASP D 33 29.80 -10.19 -1.29
C ASP D 33 29.45 -10.74 -2.65
N VAL D 34 28.18 -10.56 -3.02
CA VAL D 34 27.71 -10.96 -4.33
C VAL D 34 27.15 -9.76 -5.09
N ARG D 35 27.02 -9.90 -6.41
CA ARG D 35 26.72 -8.74 -7.27
C ARG D 35 25.50 -9.02 -8.12
N LEU D 36 24.85 -7.95 -8.57
CA LEU D 36 23.58 -8.09 -9.28
C LEU D 36 23.75 -8.33 -10.78
N ASP D 37 23.09 -9.38 -11.26
CA ASP D 37 23.05 -9.71 -12.69
C ASP D 37 22.09 -8.70 -13.34
N CYS D 38 21.96 -8.73 -14.68
CA CYS D 38 21.17 -7.70 -15.34
C CYS D 38 19.87 -8.18 -15.96
N LEU D 39 19.49 -9.43 -15.76
CA LEU D 39 18.13 -9.82 -16.16
C LEU D 39 17.18 -9.88 -14.96
N PHE D 40 15.95 -9.42 -15.19
CA PHE D 40 14.97 -9.39 -14.15
C PHE D 40 13.68 -10.03 -14.63
N ARG D 41 12.90 -10.56 -13.71
CA ARG D 41 11.56 -10.98 -14.04
C ARG D 41 10.55 -10.14 -13.28
N VAL D 42 9.57 -9.61 -14.00
CA VAL D 42 8.47 -8.89 -13.38
C VAL D 42 7.18 -9.70 -13.58
N PHE D 43 6.16 -9.43 -12.76
CA PHE D 43 4.94 -10.22 -12.79
C PHE D 43 3.84 -9.55 -13.64
N ASN D 44 3.22 -10.32 -14.54
CA ASN D 44 2.19 -9.80 -15.44
C ASN D 44 0.81 -10.01 -14.84
N ASN D 45 0.42 -9.12 -13.93
CA ASN D 45 -0.78 -9.36 -13.14
C ASN D 45 -2.08 -8.95 -13.82
N THR D 46 -2.00 -8.46 -15.06
CA THR D 46 -3.22 -8.10 -15.79
C THR D 46 -3.91 -9.26 -16.51
N ARG D 47 -3.26 -10.44 -16.58
CA ARG D 47 -3.88 -11.63 -17.18
C ARG D 47 -4.37 -12.67 -16.17
N TYR D 48 -3.93 -12.57 -14.92
CA TYR D 48 -4.27 -13.59 -13.93
C TYR D 48 -5.03 -12.97 -12.76
N THR D 49 -6.02 -13.69 -12.25
CA THR D 49 -6.69 -13.27 -11.01
C THR D 49 -5.78 -13.52 -9.80
N HIS D 50 -4.98 -14.59 -9.84
CA HIS D 50 -4.26 -15.06 -8.66
C HIS D 50 -3.18 -16.06 -8.96
N ILE D 51 -2.25 -16.22 -8.04
CA ILE D 51 -1.23 -17.28 -8.10
C ILE D 51 -1.70 -18.54 -7.38
N ASP D 52 -1.53 -19.67 -8.04
CA ASP D 52 -1.84 -20.96 -7.43
C ASP D 52 -0.58 -21.83 -7.44
N PRO D 53 0.07 -21.97 -6.29
CA PRO D 53 1.30 -22.75 -6.18
C PRO D 53 1.16 -24.19 -6.66
N ALA D 54 -0.04 -24.73 -6.65
CA ALA D 54 -0.23 -26.12 -7.09
C ALA D 54 -0.43 -26.25 -8.60
N LYS D 55 -0.61 -25.14 -9.30
CA LYS D 55 -0.73 -25.19 -10.74
C LYS D 55 0.55 -24.62 -11.35
N GLN D 56 0.80 -24.91 -12.62
CA GLN D 56 1.94 -24.29 -13.29
C GLN D 56 1.46 -23.14 -14.15
N GLN D 57 2.10 -21.98 -14.03
CA GLN D 57 1.57 -20.77 -14.67
C GLN D 57 2.58 -20.09 -15.61
N ASP D 58 2.75 -20.67 -16.79
CA ASP D 58 3.73 -20.25 -17.78
C ASP D 58 3.94 -18.74 -17.88
N GLU D 59 2.89 -18.01 -18.27
CA GLU D 59 3.05 -16.62 -18.67
C GLU D 59 2.98 -15.66 -17.48
N LEU D 60 3.43 -16.14 -16.33
CA LEU D 60 3.37 -15.38 -15.07
C LEU D 60 4.36 -14.25 -15.03
N THR D 61 5.50 -14.41 -15.71
CA THR D 61 6.58 -13.45 -15.63
C THR D 61 7.18 -13.18 -16.99
N SER D 62 7.94 -12.09 -17.06
CA SER D 62 8.60 -11.69 -18.29
C SER D 62 10.03 -11.26 -18.05
N LEU D 63 10.92 -11.55 -19.00
CA LEU D 63 12.28 -11.02 -18.96
C LEU D 63 12.39 -9.55 -19.31
N VAL D 64 13.13 -8.81 -18.48
CA VAL D 64 13.31 -7.38 -18.69
C VAL D 64 14.74 -6.98 -18.34
N GLN D 65 15.27 -5.98 -19.04
CA GLN D 65 16.68 -5.63 -18.93
C GLN D 65 16.96 -4.13 -19.19
N PRO D 66 17.63 -3.45 -18.26
CA PRO D 66 17.96 -2.05 -18.44
C PRO D 66 19.05 -1.84 -19.48
N VAL D 67 18.85 -0.87 -20.37
CA VAL D 67 19.82 -0.60 -21.41
C VAL D 67 21.21 -0.30 -20.83
N ASP D 68 22.23 -0.31 -21.70
CA ASP D 68 23.63 -0.08 -21.31
C ASP D 68 23.81 1.10 -20.34
N GLY D 69 24.15 0.80 -19.09
CA GLY D 69 24.43 1.84 -18.10
C GLY D 69 23.28 2.74 -17.61
N GLU D 70 22.05 2.41 -17.99
CA GLU D 70 20.88 3.02 -17.36
C GLU D 70 20.38 2.06 -16.25
N PRO D 71 19.79 2.62 -15.17
CA PRO D 71 19.39 1.88 -13.96
C PRO D 71 18.14 1.02 -14.10
N PHE D 72 17.99 0.01 -13.25
CA PHE D 72 16.67 -0.65 -13.11
C PHE D 72 15.94 -0.11 -11.90
N VAL D 73 14.81 0.58 -12.11
CA VAL D 73 14.16 1.29 -11.00
C VAL D 73 13.17 0.47 -10.16
N LEU D 74 13.33 0.49 -8.84
CA LEU D 74 12.57 -0.41 -7.98
C LEU D 74 11.63 0.32 -7.04
N HIS D 75 10.40 0.48 -7.48
CA HIS D 75 9.42 1.23 -6.72
C HIS D 75 8.90 0.44 -5.51
N PRO D 76 8.59 1.17 -4.42
CA PRO D 76 7.98 0.57 -3.23
C PRO D 76 6.78 -0.25 -3.62
N GLY D 77 6.65 -1.46 -3.07
CA GLY D 77 5.47 -2.30 -3.34
C GLY D 77 5.60 -3.20 -4.57
N GLU D 78 6.66 -2.99 -5.35
CA GLU D 78 6.95 -3.84 -6.50
C GLU D 78 7.69 -5.08 -6.04
N PHE D 79 7.44 -6.22 -6.68
CA PHE D 79 8.18 -7.43 -6.38
C PHE D 79 8.86 -7.94 -7.65
N VAL D 80 10.19 -8.11 -7.62
CA VAL D 80 10.88 -8.56 -8.84
C VAL D 80 11.95 -9.60 -8.60
N LEU D 81 12.14 -10.50 -9.56
CA LEU D 81 13.13 -11.58 -9.41
C LEU D 81 14.39 -11.25 -10.20
N GLY D 82 15.55 -11.48 -9.57
CA GLY D 82 16.85 -11.19 -10.19
C GLY D 82 17.82 -12.32 -9.93
N SER D 83 19.09 -12.12 -10.24
CA SER D 83 20.12 -13.15 -10.03
C SER D 83 21.40 -12.55 -9.51
N THR D 84 22.22 -13.36 -8.82
CA THR D 84 23.62 -12.96 -8.62
C THR D 84 24.37 -13.13 -9.94
N LEU D 85 25.26 -12.18 -10.21
CA LEU D 85 26.10 -12.24 -11.39
C LEU D 85 27.02 -13.49 -11.34
N GLU D 86 27.51 -13.83 -10.15
CA GLU D 86 28.33 -15.03 -9.93
C GLU D 86 27.58 -16.33 -10.19
N LEU D 87 28.31 -17.34 -10.66
CA LEU D 87 27.82 -18.71 -10.69
C LEU D 87 28.42 -19.47 -9.50
N PHE D 88 27.59 -20.09 -8.67
CA PHE D 88 28.10 -20.82 -7.51
C PHE D 88 27.97 -22.32 -7.64
N THR D 89 28.97 -23.03 -7.14
CA THR D 89 28.89 -24.48 -6.98
C THR D 89 29.27 -24.92 -5.55
N LEU D 90 28.27 -25.45 -4.82
CA LEU D 90 28.47 -25.95 -3.47
C LEU D 90 28.79 -27.46 -3.44
N PRO D 91 29.74 -27.87 -2.58
CA PRO D 91 30.04 -29.27 -2.27
C PRO D 91 28.98 -29.79 -1.31
N ASP D 92 29.05 -31.05 -0.92
CA ASP D 92 27.96 -31.60 -0.15
C ASP D 92 28.08 -31.54 1.36
N ASN D 93 29.04 -30.76 1.87
CA ASN D 93 29.13 -30.50 3.31
C ASN D 93 29.07 -29.01 3.70
N LEU D 94 28.62 -28.19 2.75
CA LEU D 94 28.45 -26.74 2.93
C LEU D 94 27.03 -26.31 2.52
N ALA D 95 26.44 -25.39 3.29
CA ALA D 95 25.17 -24.78 2.95
C ALA D 95 25.41 -23.27 2.94
N GLY D 96 24.56 -22.55 2.22
CA GLY D 96 24.69 -21.10 2.12
C GLY D 96 23.48 -20.34 2.66
N ARG D 97 23.74 -19.15 3.20
CA ARG D 97 22.71 -18.18 3.56
C ARG D 97 23.06 -16.84 2.98
N LEU D 98 22.14 -16.26 2.23
CA LEU D 98 22.21 -14.87 1.84
C LEU D 98 21.95 -13.98 3.06
N GLU D 99 22.67 -12.86 3.16
CA GLU D 99 22.32 -11.83 4.12
C GLU D 99 22.47 -10.51 3.40
N GLY D 100 21.78 -9.48 3.91
CA GLY D 100 21.80 -8.17 3.29
C GLY D 100 23.09 -7.46 3.59
N LYS D 101 23.44 -6.46 2.79
CA LYS D 101 24.57 -5.61 3.13
C LYS D 101 24.07 -4.46 3.96
N SER D 102 24.84 -4.13 5.00
CA SER D 102 24.47 -3.09 5.96
C SER D 102 24.14 -1.76 5.29
N SER D 103 24.87 -1.44 4.23
CA SER D 103 24.72 -0.17 3.53
C SER D 103 23.40 -0.12 2.78
N LEU D 104 23.04 -1.20 2.11
CA LEU D 104 21.81 -1.20 1.35
C LEU D 104 20.65 -1.44 2.27
N GLY D 105 20.92 -2.12 3.38
CA GLY D 105 19.89 -2.42 4.37
C GLY D 105 19.28 -1.16 4.95
N ARG D 106 20.12 -0.13 5.09
CA ARG D 106 19.72 1.17 5.64
C ARG D 106 18.91 1.96 4.63
N LEU D 107 18.86 1.50 3.39
CA LEU D 107 18.20 2.19 2.31
C LEU D 107 16.83 1.59 2.02
N GLY D 108 16.48 0.50 2.70
CA GLY D 108 15.15 -0.12 2.54
C GLY D 108 15.09 -1.22 1.51
N LEU D 109 16.26 -1.73 1.11
CA LEU D 109 16.33 -2.76 0.10
C LEU D 109 16.25 -4.17 0.68
N LEU D 110 15.36 -4.98 0.14
CA LEU D 110 15.33 -6.40 0.45
C LEU D 110 15.82 -7.20 -0.75
N THR D 111 16.66 -8.21 -0.51
CA THR D 111 17.23 -9.01 -1.59
C THR D 111 16.83 -10.50 -1.63
N HIS D 112 16.24 -11.01 -0.54
CA HIS D 112 15.88 -12.43 -0.51
C HIS D 112 14.83 -12.77 0.54
N SER D 113 13.64 -12.21 0.37
CA SER D 113 12.58 -12.20 1.38
C SER D 113 12.29 -13.41 2.32
N THR D 114 11.51 -14.47 2.06
CA THR D 114 11.05 -15.25 0.87
C THR D 114 11.85 -16.53 0.65
N ALA D 115 13.18 -16.43 0.58
CA ALA D 115 14.03 -17.60 0.39
C ALA D 115 15.50 -17.20 0.20
N GLY D 116 16.31 -17.45 1.22
CA GLY D 116 17.75 -17.15 1.14
C GLY D 116 18.62 -18.33 1.55
N PHE D 117 18.02 -19.52 1.58
CA PHE D 117 18.77 -20.70 2.01
C PHE D 117 19.16 -21.59 0.84
N ILE D 118 20.45 -21.88 0.73
CA ILE D 118 21.02 -22.60 -0.40
C ILE D 118 21.49 -23.99 -0.01
N ASP D 119 20.83 -25.01 -0.56
CA ASP D 119 21.16 -26.40 -0.25
C ASP D 119 22.60 -26.80 -0.61
N PRO D 120 23.17 -27.74 0.15
CA PRO D 120 24.42 -28.34 -0.26
C PRO D 120 24.23 -29.03 -1.61
N GLY D 121 25.19 -28.90 -2.51
CA GLY D 121 25.07 -29.56 -3.80
C GLY D 121 24.51 -28.61 -4.84
N PHE D 122 24.03 -27.46 -4.39
CA PHE D 122 23.50 -26.47 -5.31
C PHE D 122 24.53 -25.98 -6.33
N SER D 123 24.05 -25.70 -7.53
CA SER D 123 24.87 -25.21 -8.61
C SER D 123 24.03 -24.28 -9.50
N GLY D 124 24.47 -23.04 -9.67
CA GLY D 124 23.77 -22.09 -10.54
C GLY D 124 23.94 -20.66 -10.05
N HIS D 125 23.26 -19.73 -10.71
CA HIS D 125 23.15 -18.35 -10.24
C HIS D 125 22.09 -18.29 -9.17
N ILE D 126 22.38 -17.63 -8.06
CA ILE D 126 21.42 -17.57 -6.95
C ILE D 126 20.30 -16.58 -7.22
N THR D 127 19.08 -17.05 -7.11
CA THR D 127 17.90 -16.21 -7.30
C THR D 127 17.78 -15.14 -6.21
N LEU D 128 17.49 -13.90 -6.62
CA LEU D 128 17.26 -12.83 -5.66
C LEU D 128 15.80 -12.40 -5.74
N GLU D 129 15.18 -12.22 -4.59
CA GLU D 129 13.81 -11.73 -4.51
C GLU D 129 13.86 -10.27 -4.08
N LEU D 130 13.64 -9.34 -4.99
CA LEU D 130 13.91 -7.94 -4.67
C LEU D 130 12.66 -7.17 -4.25
N SER D 131 12.80 -6.40 -3.18
CA SER D 131 11.72 -5.60 -2.59
C SER D 131 12.22 -4.28 -2.03
N ASN D 132 11.39 -3.26 -2.10
CA ASN D 132 11.71 -1.94 -1.58
C ASN D 132 10.65 -1.55 -0.56
N VAL D 133 11.02 -1.51 0.72
CA VAL D 133 10.07 -1.14 1.76
C VAL D 133 10.29 0.28 2.25
N ALA D 134 11.13 1.03 1.54
CA ALA D 134 11.32 2.43 1.83
C ALA D 134 10.15 3.22 1.26
N ASN D 135 10.24 4.55 1.35
CA ASN D 135 9.22 5.42 0.77
C ASN D 135 9.71 6.25 -0.42
N LEU D 136 10.78 5.79 -1.06
CA LEU D 136 11.15 6.27 -2.41
C LEU D 136 11.56 5.10 -3.29
N PRO D 137 11.49 5.30 -4.61
CA PRO D 137 12.12 4.41 -5.59
C PRO D 137 13.60 4.26 -5.31
N ILE D 138 14.18 3.11 -5.64
CA ILE D 138 15.64 2.92 -5.53
C ILE D 138 16.20 2.52 -6.89
N THR D 139 17.25 3.19 -7.35
CA THR D 139 17.87 2.84 -8.64
C THR D 139 18.88 1.68 -8.54
N LEU D 140 18.60 0.53 -9.17
CA LEU D 140 19.53 -0.61 -9.13
C LEU D 140 20.46 -0.62 -10.37
N TRP D 141 21.76 -0.66 -10.11
CA TRP D 141 22.77 -0.76 -11.17
C TRP D 141 23.26 -2.22 -11.30
N PRO D 142 23.06 -2.82 -12.49
CA PRO D 142 23.67 -4.11 -12.75
C PRO D 142 25.16 -4.05 -12.40
N GLY D 143 25.68 -5.09 -11.75
CA GLY D 143 27.09 -5.15 -11.41
C GLY D 143 27.39 -4.72 -10.00
N MET D 144 26.45 -4.00 -9.39
CA MET D 144 26.65 -3.46 -8.04
C MET D 144 26.71 -4.59 -7.00
N LYS D 145 27.44 -4.38 -5.92
CA LYS D 145 27.34 -5.31 -4.80
C LYS D 145 25.91 -5.25 -4.31
N ILE D 146 25.27 -6.40 -4.15
CA ILE D 146 23.85 -6.45 -3.79
C ILE D 146 23.58 -7.15 -2.46
N GLY D 147 24.55 -7.93 -1.99
CA GLY D 147 24.42 -8.62 -0.71
C GLY D 147 25.62 -9.49 -0.42
N GLN D 148 25.48 -10.42 0.54
CA GLN D 148 26.61 -11.27 0.91
C GLN D 148 26.15 -12.68 1.16
N LEU D 149 27.07 -13.63 0.94
CA LEU D 149 26.76 -15.06 1.11
C LEU D 149 27.64 -15.62 2.22
N CYS D 150 27.02 -16.28 3.20
CA CYS D 150 27.76 -16.99 4.23
C CYS D 150 27.75 -18.48 3.98
N MET D 151 28.83 -19.15 4.39
CA MET D 151 28.90 -20.58 4.27
C MET D 151 28.81 -21.25 5.65
N LEU D 152 27.87 -22.17 5.80
CA LEU D 152 27.78 -22.95 7.03
C LEU D 152 28.26 -24.40 6.84
N ARG D 153 29.15 -24.87 7.72
CA ARG D 153 29.57 -26.28 7.70
C ARG D 153 28.47 -27.17 8.23
N LEU D 154 28.28 -28.30 7.58
CA LEU D 154 27.33 -29.30 8.03
C LEU D 154 28.02 -30.22 9.04
N THR D 155 27.25 -30.84 9.93
CA THR D 155 27.81 -31.79 10.89
C THR D 155 28.50 -32.94 10.21
N SER D 156 28.09 -33.21 8.97
CA SER D 156 28.67 -34.29 8.17
C SER D 156 28.11 -34.21 6.75
N PRO D 157 28.81 -34.81 5.78
CA PRO D 157 28.39 -34.75 4.38
C PRO D 157 26.98 -35.29 4.14
N SER D 158 26.25 -34.67 3.22
CA SER D 158 24.90 -35.07 2.88
C SER D 158 24.85 -36.39 2.12
N GLU D 159 23.88 -37.23 2.46
CA GLU D 159 23.69 -38.51 1.81
C GLU D 159 23.24 -38.35 0.35
N HIS D 160 21.96 -38.02 0.18
CA HIS D 160 21.39 -37.83 -1.15
C HIS D 160 21.82 -36.46 -1.70
N MET E 1 26.27 -25.01 13.81
CA MET E 1 26.63 -26.19 12.94
C MET E 1 25.39 -26.92 12.50
N LEU E 2 25.24 -27.01 11.17
CA LEU E 2 24.00 -27.46 10.56
C LEU E 2 23.92 -28.99 10.42
N LEU E 3 22.89 -29.59 10.99
CA LEU E 3 22.67 -31.02 10.87
C LEU E 3 22.39 -31.47 9.45
N SER E 4 23.07 -32.54 9.02
CA SER E 4 22.83 -33.11 7.69
C SER E 4 21.65 -34.06 7.76
N ASP E 5 21.17 -34.46 6.59
CA ASP E 5 20.06 -35.40 6.51
C ASP E 5 20.31 -36.60 7.40
N ARG E 6 21.49 -37.18 7.29
CA ARG E 6 21.79 -38.37 8.06
C ARG E 6 21.73 -38.10 9.55
N ASP E 7 22.22 -36.94 9.97
CA ASP E 7 22.20 -36.63 11.38
C ASP E 7 20.81 -36.26 11.88
N LEU E 8 20.01 -35.65 11.02
CA LEU E 8 18.61 -35.41 11.33
C LEU E 8 17.90 -36.73 11.56
N ARG E 9 18.15 -37.69 10.68
CA ARG E 9 17.52 -38.99 10.85
C ARG E 9 18.01 -39.71 12.13
N ALA E 10 19.29 -39.56 12.47
CA ALA E 10 19.77 -40.17 13.71
C ALA E 10 19.06 -39.58 14.91
N GLU E 11 18.96 -38.25 14.95
CA GLU E 11 18.26 -37.57 16.06
C GLU E 11 16.80 -37.97 16.14
N ILE E 12 16.17 -38.14 14.98
CA ILE E 12 14.76 -38.48 14.96
C ILE E 12 14.54 -39.94 15.34
N SER E 13 15.30 -40.84 14.71
CA SER E 13 15.16 -42.27 14.98
C SER E 13 15.55 -42.67 16.40
N SER E 14 16.10 -41.73 17.17
CA SER E 14 16.53 -41.99 18.55
C SER E 14 15.59 -41.31 19.53
N GLY E 15 14.64 -40.53 19.01
CA GLY E 15 13.66 -39.86 19.84
C GLY E 15 14.08 -38.55 20.46
N ARG E 16 15.32 -38.13 20.25
CA ARG E 16 15.80 -36.86 20.81
C ARG E 16 15.20 -35.64 20.08
N LEU E 17 14.78 -35.85 18.84
CA LEU E 17 14.06 -34.83 18.09
C LEU E 17 12.68 -35.37 17.75
N GLY E 18 11.66 -34.71 18.29
CA GLY E 18 10.29 -35.14 18.07
C GLY E 18 9.65 -34.45 16.88
N ILE E 19 9.13 -35.24 15.94
CA ILE E 19 8.39 -34.72 14.82
C ILE E 19 7.19 -35.60 14.58
N ASP E 20 6.02 -35.04 14.78
CA ASP E 20 4.80 -35.82 14.67
C ASP E 20 3.76 -34.99 13.95
N PRO E 21 3.29 -35.47 12.78
CA PRO E 21 3.64 -36.74 12.15
C PRO E 21 4.88 -36.64 11.28
N PHE E 22 5.69 -37.71 11.28
CA PHE E 22 6.95 -37.70 10.53
C PHE E 22 6.78 -38.36 9.16
N ASP E 23 7.40 -37.76 8.14
CA ASP E 23 7.44 -38.36 6.82
C ASP E 23 8.83 -38.22 6.24
N ASP E 24 9.49 -39.37 6.03
CA ASP E 24 10.91 -39.40 5.66
C ASP E 24 11.17 -38.77 4.31
N THR E 25 10.15 -38.68 3.46
CA THR E 25 10.37 -38.13 2.13
C THR E 25 10.56 -36.61 2.21
N LEU E 26 10.26 -36.05 3.37
CA LEU E 26 10.36 -34.61 3.56
C LEU E 26 11.78 -34.15 3.94
N VAL E 27 12.63 -35.08 4.37
CA VAL E 27 14.00 -34.75 4.71
C VAL E 27 14.80 -34.27 3.50
N GLN E 28 15.45 -33.12 3.63
CA GLN E 28 16.28 -32.56 2.57
C GLN E 28 17.74 -32.70 2.96
N PRO E 29 18.67 -32.35 2.05
CA PRO E 29 20.11 -32.42 2.31
C PRO E 29 20.56 -31.86 3.69
N SER E 30 20.05 -30.69 4.08
CA SER E 30 20.40 -30.16 5.38
C SER E 30 19.25 -29.44 6.03
N SER E 31 18.07 -30.06 6.00
CA SER E 31 16.86 -29.52 6.63
C SER E 31 15.68 -30.49 6.45
N ILE E 32 14.51 -30.05 6.91
CA ILE E 32 13.30 -30.84 6.73
C ILE E 32 12.11 -29.94 6.33
N ASP E 33 11.38 -30.36 5.31
CA ASP E 33 10.19 -29.64 4.88
C ASP E 33 9.11 -29.67 5.94
N VAL E 34 8.36 -28.59 6.05
CA VAL E 34 7.22 -28.55 6.94
C VAL E 34 5.99 -28.21 6.15
N ARG E 35 4.82 -28.51 6.72
CA ARG E 35 3.56 -28.36 6.03
C ARG E 35 2.59 -27.43 6.76
N LEU E 36 1.65 -26.87 6.00
CA LEU E 36 0.71 -25.89 6.53
C LEU E 36 -0.46 -26.56 7.24
N ASP E 37 -0.72 -26.09 8.47
CA ASP E 37 -1.92 -26.51 9.17
C ASP E 37 -3.11 -25.70 8.66
N CYS E 38 -4.32 -26.08 9.09
CA CYS E 38 -5.49 -25.49 8.51
C CYS E 38 -6.18 -24.40 9.32
N LEU E 39 -5.61 -24.04 10.47
CA LEU E 39 -6.16 -22.95 11.28
C LEU E 39 -5.35 -21.65 11.12
N PHE E 40 -6.04 -20.52 11.03
CA PHE E 40 -5.39 -19.24 10.84
C PHE E 40 -5.97 -18.21 11.79
N ARG E 41 -5.16 -17.22 12.14
CA ARG E 41 -5.70 -16.06 12.83
C ARG E 41 -5.57 -14.85 11.94
N VAL E 42 -6.64 -14.07 11.86
CA VAL E 42 -6.64 -12.79 11.17
C VAL E 42 -6.86 -11.66 12.17
N PHE E 43 -6.44 -10.45 11.82
CA PHE E 43 -6.53 -9.33 12.78
C PHE E 43 -7.81 -8.52 12.63
N ASN E 44 -8.49 -8.31 13.75
CA ASN E 44 -9.76 -7.57 13.79
C ASN E 44 -9.51 -6.07 13.96
N ASN E 45 -9.10 -5.40 12.90
CA ASN E 45 -8.61 -4.01 13.00
C ASN E 45 -9.68 -2.92 13.04
N THR E 46 -10.95 -3.33 13.05
CA THR E 46 -12.03 -2.35 13.12
C THR E 46 -12.42 -1.97 14.56
N ARG E 47 -11.87 -2.69 15.52
CA ARG E 47 -12.18 -2.40 16.91
C ARG E 47 -11.02 -1.80 17.70
N TYR E 48 -9.84 -1.77 17.09
CA TYR E 48 -8.65 -1.24 17.75
C TYR E 48 -8.01 -0.12 16.96
N THR E 49 -7.54 0.88 17.67
CA THR E 49 -6.82 1.95 17.05
C THR E 49 -5.39 1.52 16.74
N HIS E 50 -4.82 0.67 17.59
CA HIS E 50 -3.43 0.26 17.45
C HIS E 50 -3.10 -0.92 18.35
N ILE E 51 -1.98 -1.58 18.05
CA ILE E 51 -1.44 -2.60 18.96
C ILE E 51 -0.41 -1.99 19.91
N ASP E 52 -0.48 -2.43 21.16
CA ASP E 52 0.47 -2.03 22.19
C ASP E 52 1.06 -3.28 22.80
N PRO E 53 2.33 -3.56 22.49
CA PRO E 53 3.02 -4.77 22.95
C PRO E 53 3.04 -4.88 24.46
N ALA E 54 2.95 -3.75 25.16
CA ALA E 54 2.97 -3.73 26.62
C ALA E 54 1.60 -4.03 27.28
N LYS E 55 0.53 -4.06 26.49
CA LYS E 55 -0.80 -4.41 27.02
C LYS E 55 -1.20 -5.77 26.49
N GLN E 56 -2.11 -6.45 27.18
CA GLN E 56 -2.61 -7.70 26.62
C GLN E 56 -3.95 -7.45 26.00
N GLN E 57 -4.04 -7.79 24.71
CA GLN E 57 -5.18 -7.44 23.84
C GLN E 57 -5.85 -8.70 23.30
N ASP E 58 -6.88 -9.15 23.99
CA ASP E 58 -7.37 -10.50 23.79
C ASP E 58 -8.42 -10.66 22.71
N GLU E 59 -8.86 -9.54 22.15
CA GLU E 59 -9.81 -9.58 21.03
C GLU E 59 -9.10 -9.28 19.68
N LEU E 60 -7.79 -9.10 19.74
CA LEU E 60 -7.00 -8.70 18.58
C LEU E 60 -7.12 -9.65 17.39
N THR E 61 -7.21 -10.95 17.67
CA THR E 61 -7.30 -11.96 16.61
C THR E 61 -8.54 -12.84 16.71
N SER E 62 -8.91 -13.43 15.58
CA SER E 62 -9.97 -14.44 15.56
C SER E 62 -9.51 -15.70 14.82
N LEU E 63 -10.06 -16.84 15.23
CA LEU E 63 -9.77 -18.11 14.59
C LEU E 63 -10.51 -18.20 13.26
N VAL E 64 -9.80 -18.64 12.21
CA VAL E 64 -10.42 -18.81 10.89
C VAL E 64 -9.94 -20.10 10.28
N GLN E 65 -10.85 -20.81 9.61
CA GLN E 65 -10.50 -22.08 8.98
C GLN E 65 -11.21 -22.25 7.65
N PRO E 66 -10.46 -22.34 6.54
CA PRO E 66 -11.14 -22.43 5.26
C PRO E 66 -12.01 -23.68 5.26
N VAL E 67 -12.97 -23.75 4.35
CA VAL E 67 -13.76 -24.95 4.23
C VAL E 67 -12.94 -26.01 3.47
N ASP E 68 -13.32 -27.28 3.59
CA ASP E 68 -12.55 -28.40 3.04
C ASP E 68 -12.56 -28.41 1.53
N GLY E 69 -11.39 -28.66 0.94
CA GLY E 69 -11.23 -28.61 -0.51
C GLY E 69 -10.77 -27.22 -0.94
N GLU E 70 -11.23 -26.20 -0.22
CA GLU E 70 -10.98 -24.80 -0.55
C GLU E 70 -9.67 -24.28 0.03
N PRO E 71 -9.17 -23.15 -0.49
CA PRO E 71 -7.94 -22.54 0.02
C PRO E 71 -8.17 -21.29 0.86
N PHE E 72 -7.14 -20.90 1.60
CA PHE E 72 -7.09 -19.60 2.26
C PHE E 72 -6.44 -18.64 1.26
N VAL E 73 -7.13 -17.54 0.93
CA VAL E 73 -6.58 -16.65 -0.08
C VAL E 73 -5.79 -15.52 0.58
N LEU E 74 -4.49 -15.52 0.34
CA LEU E 74 -3.68 -14.55 1.03
C LEU E 74 -3.42 -13.37 0.07
N HIS E 75 -4.08 -12.23 0.29
CA HIS E 75 -3.93 -11.07 -0.58
C HIS E 75 -2.71 -10.25 -0.17
N PRO E 76 -2.10 -9.55 -1.14
CA PRO E 76 -0.93 -8.73 -0.83
C PRO E 76 -1.29 -7.70 0.25
N GLY E 77 -0.41 -7.55 1.24
CA GLY E 77 -0.63 -6.55 2.27
C GLY E 77 -1.42 -7.06 3.45
N GLU E 78 -2.02 -8.25 3.35
CA GLU E 78 -2.61 -8.85 4.54
C GLU E 78 -1.53 -9.61 5.33
N PHE E 79 -1.70 -9.65 6.65
CA PHE E 79 -0.83 -10.38 7.55
C PHE E 79 -1.68 -11.40 8.30
N VAL E 80 -1.31 -12.68 8.24
CA VAL E 80 -2.05 -13.71 9.01
C VAL E 80 -1.12 -14.68 9.70
N LEU E 81 -1.57 -15.21 10.84
CA LEU E 81 -0.81 -16.21 11.59
C LEU E 81 -1.32 -17.62 11.29
N GLY E 82 -0.38 -18.53 11.07
CA GLY E 82 -0.70 -19.93 10.85
C GLY E 82 0.19 -20.88 11.67
N SER E 83 0.16 -22.17 11.34
CA SER E 83 0.91 -23.18 12.09
C SER E 83 1.50 -24.22 11.15
N THR E 84 2.63 -24.80 11.54
CA THR E 84 3.06 -26.03 10.91
C THR E 84 2.12 -27.17 11.35
N LEU E 85 1.78 -28.05 10.41
CA LEU E 85 0.93 -29.19 10.71
C LEU E 85 1.65 -30.12 11.70
N GLU E 86 2.99 -30.23 11.58
CA GLU E 86 3.80 -31.05 12.46
C GLU E 86 3.86 -30.51 13.88
N LEU E 87 4.01 -31.41 14.84
CA LEU E 87 4.35 -30.97 16.20
C LEU E 87 5.82 -31.30 16.47
N PHE E 88 6.58 -30.28 16.88
CA PHE E 88 8.02 -30.42 17.06
C PHE E 88 8.40 -30.47 18.54
N THR E 89 9.36 -31.33 18.87
CA THR E 89 9.95 -31.34 20.21
C THR E 89 11.49 -31.34 20.15
N LEU E 90 12.09 -30.25 20.61
CA LEU E 90 13.54 -30.10 20.53
C LEU E 90 14.21 -30.52 21.83
N PRO E 91 15.41 -31.09 21.74
CA PRO E 91 16.23 -31.38 22.90
C PRO E 91 17.00 -30.11 23.28
N ASP E 92 17.84 -30.18 24.30
CA ASP E 92 18.49 -29.01 24.89
C ASP E 92 19.78 -28.59 24.18
N ASN E 93 20.15 -29.30 23.13
CA ASN E 93 21.42 -29.10 22.41
C ASN E 93 21.21 -28.66 20.95
N LEU E 94 19.95 -28.46 20.55
CA LEU E 94 19.61 -28.06 19.18
C LEU E 94 18.70 -26.83 19.13
N ALA E 95 18.95 -25.94 18.18
CA ALA E 95 18.01 -24.86 17.90
C ALA E 95 17.54 -24.98 16.48
N GLY E 96 16.44 -24.32 16.17
CA GLY E 96 15.85 -24.42 14.84
C GLY E 96 15.74 -23.08 14.15
N ARG E 97 15.87 -23.10 12.82
CA ARG E 97 15.63 -21.93 11.99
C ARG E 97 14.69 -22.30 10.86
N LEU E 98 13.64 -21.51 10.68
CA LEU E 98 12.76 -21.67 9.52
C LEU E 98 13.41 -21.02 8.34
N GLU E 99 13.31 -21.63 7.18
CA GLU E 99 13.71 -20.95 5.93
C GLU E 99 12.62 -21.17 4.91
N GLY E 100 12.54 -20.29 3.92
CA GLY E 100 11.54 -20.40 2.87
C GLY E 100 11.92 -21.50 1.92
N LYS E 101 10.95 -22.01 1.20
CA LYS E 101 11.19 -22.92 0.10
C LYS E 101 11.42 -22.12 -1.18
N SER E 102 12.46 -22.48 -1.94
CA SER E 102 12.81 -21.71 -3.11
C SER E 102 11.66 -21.58 -4.10
N SER E 103 10.81 -22.60 -4.17
CA SER E 103 9.72 -22.57 -5.12
C SER E 103 8.65 -21.58 -4.72
N LEU E 104 8.39 -21.47 -3.43
CA LEU E 104 7.36 -20.55 -2.97
C LEU E 104 7.95 -19.16 -2.82
N GLY E 105 9.25 -19.12 -2.57
CA GLY E 105 10.00 -17.87 -2.52
C GLY E 105 9.92 -17.06 -3.80
N ARG E 106 9.90 -17.74 -4.93
CA ARG E 106 9.84 -17.05 -6.22
C ARG E 106 8.42 -16.58 -6.52
N LEU E 107 7.46 -16.99 -5.68
CA LEU E 107 6.06 -16.60 -5.81
C LEU E 107 5.66 -15.39 -4.96
N GLY E 108 6.55 -14.93 -4.09
CA GLY E 108 6.26 -13.75 -3.25
C GLY E 108 5.73 -14.09 -1.88
N LEU E 109 5.86 -15.34 -1.49
CA LEU E 109 5.33 -15.78 -0.22
C LEU E 109 6.34 -15.70 0.93
N LEU E 110 5.95 -15.03 2.01
CA LEU E 110 6.71 -14.99 3.25
C LEU E 110 6.03 -15.84 4.32
N THR E 111 6.83 -16.61 5.06
CA THR E 111 6.32 -17.60 6.02
C THR E 111 6.68 -17.33 7.48
N HIS E 112 7.64 -16.44 7.72
CA HIS E 112 8.16 -16.25 9.09
C HIS E 112 8.95 -14.94 9.25
N SER E 113 8.27 -13.83 8.94
CA SER E 113 8.86 -12.48 8.80
C SER E 113 10.04 -11.97 9.67
N THR E 114 9.94 -11.40 10.90
CA THR E 114 9.03 -11.47 12.09
C THR E 114 9.62 -12.34 13.20
N ALA E 115 9.86 -13.62 12.90
CA ALA E 115 10.31 -14.56 13.91
C ALA E 115 10.38 -15.97 13.34
N GLY E 116 11.59 -16.44 13.09
CA GLY E 116 11.79 -17.80 12.62
C GLY E 116 12.80 -18.58 13.43
N PHE E 117 13.06 -18.14 14.65
CA PHE E 117 14.05 -18.82 15.49
C PHE E 117 13.44 -19.58 16.66
N ILE E 118 13.77 -20.88 16.75
CA ILE E 118 13.15 -21.80 17.70
C ILE E 118 14.13 -22.22 18.80
N ASP E 119 13.87 -21.78 20.02
CA ASP E 119 14.70 -22.12 21.19
C ASP E 119 14.89 -23.62 21.43
N PRO E 120 16.07 -24.01 21.96
CA PRO E 120 16.24 -25.38 22.43
C PRO E 120 15.24 -25.65 23.52
N GLY E 121 14.65 -26.84 23.54
CA GLY E 121 13.67 -27.19 24.55
C GLY E 121 12.27 -26.91 24.06
N PHE E 122 12.15 -26.22 22.92
CA PHE E 122 10.82 -25.94 22.36
C PHE E 122 9.97 -27.20 22.15
N SER E 123 8.67 -27.05 22.37
CA SER E 123 7.75 -28.11 22.06
C SER E 123 6.41 -27.52 21.64
N GLY E 124 5.97 -27.84 20.43
CA GLY E 124 4.66 -27.38 19.96
C GLY E 124 4.58 -27.33 18.44
N HIS E 125 3.48 -26.78 17.93
CA HIS E 125 3.35 -26.48 16.53
C HIS E 125 4.06 -25.16 16.30
N ILE E 126 4.88 -25.06 15.27
CA ILE E 126 5.56 -23.78 15.07
C ILE E 126 4.65 -22.75 14.41
N THR E 127 4.65 -21.54 14.97
CA THR E 127 3.92 -20.39 14.45
C THR E 127 4.48 -19.90 13.11
N LEU E 128 3.61 -19.66 12.14
CA LEU E 128 4.04 -19.07 10.89
C LEU E 128 3.42 -17.70 10.72
N GLU E 129 4.23 -16.74 10.30
CA GLU E 129 3.78 -15.39 10.00
C GLU E 129 3.65 -15.26 8.51
N LEU E 130 2.44 -15.22 8.01
CA LEU E 130 2.22 -15.27 6.57
C LEU E 130 2.09 -13.92 5.90
N SER E 131 2.82 -13.70 4.81
CA SER E 131 2.74 -12.43 4.05
C SER E 131 2.91 -12.68 2.56
N ASN E 132 2.31 -11.80 1.77
CA ASN E 132 2.37 -11.85 0.33
C ASN E 132 2.92 -10.52 -0.17
N VAL E 133 4.13 -10.51 -0.70
CA VAL E 133 4.67 -9.25 -1.20
C VAL E 133 4.66 -9.22 -2.72
N ALA E 134 3.93 -10.16 -3.31
CA ALA E 134 3.72 -10.20 -4.76
C ALA E 134 2.67 -9.15 -5.15
N ASN E 135 2.33 -9.10 -6.43
CA ASN E 135 1.23 -8.25 -6.84
C ASN E 135 0.01 -9.02 -7.33
N LEU E 136 -0.16 -10.24 -6.80
CA LEU E 136 -1.36 -11.02 -6.99
C LEU E 136 -1.67 -11.74 -5.67
N PRO E 137 -2.94 -12.07 -5.44
CA PRO E 137 -3.31 -13.00 -4.38
C PRO E 137 -2.65 -14.37 -4.61
N ILE E 138 -2.30 -15.05 -3.51
CA ILE E 138 -1.87 -16.45 -3.55
C ILE E 138 -2.85 -17.40 -2.82
N THR E 139 -3.18 -18.54 -3.43
CA THR E 139 -4.07 -19.53 -2.79
C THR E 139 -3.29 -20.53 -1.97
N LEU E 140 -3.49 -20.53 -0.65
CA LEU E 140 -2.81 -21.49 0.21
C LEU E 140 -3.69 -22.70 0.47
N TRP E 141 -3.12 -23.88 0.31
CA TRP E 141 -3.81 -25.15 0.50
C TRP E 141 -3.28 -25.81 1.73
N PRO E 142 -4.12 -25.97 2.75
CA PRO E 142 -3.71 -26.69 3.94
C PRO E 142 -3.14 -28.04 3.54
N GLY E 143 -2.07 -28.45 4.21
CA GLY E 143 -1.39 -29.70 3.91
C GLY E 143 -0.17 -29.50 3.02
N MET E 144 -0.10 -28.38 2.31
CA MET E 144 0.97 -28.12 1.34
C MET E 144 2.31 -27.94 2.05
N LYS E 145 3.40 -28.27 1.36
CA LYS E 145 4.71 -27.88 1.82
C LYS E 145 4.76 -26.36 1.87
N ILE E 146 5.15 -25.81 3.01
CA ILE E 146 5.14 -24.36 3.19
C ILE E 146 6.52 -23.76 3.46
N GLY E 147 7.46 -24.58 3.92
CA GLY E 147 8.80 -24.13 4.21
C GLY E 147 9.70 -25.26 4.67
N GLN E 148 10.83 -24.91 5.26
CA GLN E 148 11.73 -25.92 5.77
C GLN E 148 12.33 -25.49 7.11
N LEU E 149 12.70 -26.49 7.91
CA LEU E 149 13.29 -26.29 9.22
C LEU E 149 14.72 -26.81 9.26
N CYS E 150 15.67 -25.95 9.65
CA CYS E 150 17.06 -26.36 9.87
C CYS E 150 17.33 -26.58 11.35
N MET E 151 18.22 -27.54 11.65
CA MET E 151 18.68 -27.73 13.02
C MET E 151 20.13 -27.29 13.20
N LEU E 152 20.38 -26.39 14.14
CA LEU E 152 21.75 -26.00 14.46
C LEU E 152 22.19 -26.60 15.80
N ARG E 153 23.38 -27.20 15.82
CA ARG E 153 23.98 -27.69 17.07
C ARG E 153 24.47 -26.52 17.89
N LEU E 154 24.26 -26.59 19.21
CA LEU E 154 24.84 -25.61 20.12
C LEU E 154 26.22 -26.08 20.55
N THR E 155 27.06 -25.13 20.96
CA THR E 155 28.40 -25.46 21.48
C THR E 155 28.34 -26.37 22.68
N SER E 156 27.23 -26.31 23.41
CA SER E 156 27.04 -27.11 24.61
C SER E 156 25.57 -27.08 25.01
N PRO E 157 25.07 -28.13 25.69
CA PRO E 157 23.66 -28.14 26.09
C PRO E 157 23.29 -26.95 26.98
N SER E 158 22.07 -26.46 26.81
CA SER E 158 21.60 -25.26 27.51
C SER E 158 21.32 -25.52 28.99
N GLU E 159 21.61 -24.50 29.80
CA GLU E 159 21.30 -24.49 31.24
C GLU E 159 19.83 -24.84 31.47
N MET F 1 28.26 -22.48 14.26
CA MET F 1 28.03 -23.12 15.58
C MET F 1 27.55 -22.09 16.59
N LEU F 2 26.38 -22.38 17.17
CA LEU F 2 25.65 -21.42 17.95
C LEU F 2 26.04 -21.50 19.41
N LEU F 3 26.53 -20.38 19.96
CA LEU F 3 26.87 -20.30 21.39
C LEU F 3 25.66 -20.47 22.33
N SER F 4 25.82 -21.32 23.35
CA SER F 4 24.81 -21.54 24.39
C SER F 4 24.88 -20.44 25.45
N ASP F 5 23.87 -20.38 26.30
CA ASP F 5 23.87 -19.37 27.37
C ASP F 5 25.15 -19.42 28.18
N ARG F 6 25.59 -20.63 28.52
CA ARG F 6 26.80 -20.76 29.32
C ARG F 6 28.03 -20.25 28.57
N ASP F 7 28.15 -20.53 27.28
CA ASP F 7 29.30 -20.04 26.53
C ASP F 7 29.20 -18.53 26.24
N LEU F 8 27.99 -18.01 26.11
CA LEU F 8 27.81 -16.54 25.99
C LEU F 8 28.31 -15.88 27.25
N ARG F 9 27.90 -16.43 28.39
CA ARG F 9 28.38 -15.96 29.68
C ARG F 9 29.92 -16.02 29.84
N ALA F 10 30.55 -17.09 29.37
CA ALA F 10 32.02 -17.21 29.40
C ALA F 10 32.66 -16.08 28.59
N GLU F 11 32.13 -15.89 27.38
CA GLU F 11 32.71 -14.93 26.47
C GLU F 11 32.56 -13.51 27.02
N ILE F 12 31.44 -13.25 27.67
CA ILE F 12 31.22 -11.94 28.25
C ILE F 12 32.05 -11.74 29.52
N SER F 13 32.00 -12.69 30.45
CA SER F 13 32.72 -12.55 31.72
C SER F 13 34.22 -12.52 31.54
N SER F 14 34.67 -12.74 30.31
CA SER F 14 36.11 -12.77 29.99
C SER F 14 36.49 -11.54 29.19
N GLY F 15 35.51 -10.73 28.87
CA GLY F 15 35.73 -9.51 28.09
C GLY F 15 35.95 -9.66 26.58
N ARG F 16 35.89 -10.87 26.04
CA ARG F 16 36.08 -11.02 24.59
C ARG F 16 34.84 -10.57 23.82
N LEU F 17 33.68 -10.66 24.47
CA LEU F 17 32.45 -10.14 23.91
C LEU F 17 31.95 -8.98 24.75
N GLY F 18 31.98 -7.78 24.19
CA GLY F 18 31.56 -6.56 24.89
C GLY F 18 30.06 -6.27 24.77
N ILE F 19 29.41 -6.11 25.91
CA ILE F 19 28.02 -5.70 25.91
C ILE F 19 27.83 -4.68 27.00
N ASP F 20 27.55 -3.45 26.61
CA ASP F 20 27.36 -2.38 27.57
C ASP F 20 26.13 -1.58 27.19
N PRO F 21 25.13 -1.53 28.09
CA PRO F 21 25.17 -2.15 29.40
C PRO F 21 24.72 -3.58 29.32
N PHE F 22 25.29 -4.41 30.20
CA PHE F 22 24.93 -5.82 30.26
C PHE F 22 23.94 -6.14 31.37
N ASP F 23 23.03 -7.06 31.11
CA ASP F 23 22.03 -7.42 32.09
C ASP F 23 21.75 -8.91 31.96
N ASP F 24 22.20 -9.66 32.96
CA ASP F 24 22.22 -11.12 32.88
C ASP F 24 20.83 -11.76 32.72
N THR F 25 19.77 -11.06 33.11
CA THR F 25 18.42 -11.63 32.96
C THR F 25 17.99 -11.66 31.50
N LEU F 26 18.79 -11.05 30.63
CA LEU F 26 18.47 -11.00 29.20
C LEU F 26 18.99 -12.21 28.41
N VAL F 27 19.94 -12.94 28.99
CA VAL F 27 20.47 -14.13 28.35
C VAL F 27 19.40 -15.20 28.17
N GLN F 28 19.29 -15.71 26.95
CA GLN F 28 18.36 -16.76 26.60
C GLN F 28 19.11 -18.06 26.39
N PRO F 29 18.38 -19.18 26.23
CA PRO F 29 19.00 -20.48 25.99
C PRO F 29 20.14 -20.48 24.97
N SER F 30 19.97 -19.81 23.83
CA SER F 30 21.08 -19.70 22.86
C SER F 30 21.12 -18.35 22.15
N SER F 31 20.92 -17.28 22.91
CA SER F 31 20.88 -15.93 22.37
C SER F 31 20.80 -14.94 23.52
N ILE F 32 20.88 -13.66 23.19
CA ILE F 32 20.66 -12.63 24.18
C ILE F 32 19.68 -11.60 23.63
N ASP F 33 18.70 -11.24 24.46
CA ASP F 33 17.76 -10.16 24.13
C ASP F 33 18.44 -8.79 24.06
N VAL F 34 17.97 -7.97 23.13
CA VAL F 34 18.47 -6.61 22.96
C VAL F 34 17.29 -5.66 23.09
N ARG F 35 17.58 -4.40 23.38
CA ARG F 35 16.51 -3.44 23.63
C ARG F 35 16.58 -2.24 22.72
N LEU F 36 15.45 -1.55 22.63
CA LEU F 36 15.30 -0.40 21.72
C LEU F 36 15.90 0.91 22.27
N ASP F 37 16.82 1.53 21.53
CA ASP F 37 17.33 2.86 21.88
C ASP F 37 16.27 3.89 21.47
N CYS F 38 16.48 5.16 21.80
CA CYS F 38 15.42 6.15 21.60
C CYS F 38 15.61 7.17 20.48
N LEU F 39 16.66 7.04 19.67
CA LEU F 39 16.80 7.86 18.49
C LEU F 39 16.41 7.09 17.22
N PHE F 40 15.64 7.73 16.34
CA PHE F 40 15.20 7.08 15.12
C PHE F 40 15.51 7.96 13.93
N ARG F 41 15.69 7.36 12.76
CA ARG F 41 15.78 8.12 11.53
C ARG F 41 14.61 7.81 10.61
N VAL F 42 13.94 8.87 10.14
CA VAL F 42 12.86 8.75 9.16
C VAL F 42 13.34 9.37 7.86
N PHE F 43 12.67 9.01 6.77
CA PHE F 43 13.10 9.40 5.44
C PHE F 43 12.32 10.63 4.97
N ASN F 44 13.04 11.61 4.43
CA ASN F 44 12.44 12.83 3.93
C ASN F 44 12.17 12.74 2.44
N ASN F 45 11.05 12.12 2.08
CA ASN F 45 10.82 11.77 0.70
C ASN F 45 10.17 12.87 -0.13
N THR F 46 10.00 14.06 0.45
CA THR F 46 9.40 15.18 -0.28
C THR F 46 10.44 15.98 -1.06
N ARG F 47 11.72 15.70 -0.81
CA ARG F 47 12.78 16.43 -1.49
C ARG F 47 13.52 15.60 -2.52
N TYR F 48 13.33 14.28 -2.50
CA TYR F 48 14.02 13.40 -3.44
C TYR F 48 13.04 12.63 -4.32
N THR F 49 13.41 12.45 -5.58
CA THR F 49 12.65 11.59 -6.49
C THR F 49 12.94 10.11 -6.23
N HIS F 50 14.15 9.80 -5.77
CA HIS F 50 14.60 8.42 -5.64
C HIS F 50 15.89 8.31 -4.85
N ILE F 51 16.12 7.13 -4.29
CA ILE F 51 17.40 6.77 -3.68
C ILE F 51 18.33 6.17 -4.74
N ASP F 52 19.59 6.60 -4.71
CA ASP F 52 20.61 6.07 -5.60
C ASP F 52 21.75 5.59 -4.73
N PRO F 53 21.92 4.27 -4.62
CA PRO F 53 22.96 3.77 -3.72
C PRO F 53 24.37 4.17 -4.16
N ALA F 54 24.55 4.52 -5.43
CA ALA F 54 25.86 4.94 -5.94
C ALA F 54 26.21 6.38 -5.58
N LYS F 55 25.22 7.18 -5.21
CA LYS F 55 25.49 8.55 -4.80
C LYS F 55 25.36 8.66 -3.28
N GLN F 56 25.89 9.71 -2.69
CA GLN F 56 25.63 9.93 -1.27
C GLN F 56 24.56 10.99 -1.17
N GLN F 57 23.59 10.78 -0.28
CA GLN F 57 22.45 11.68 -0.21
C GLN F 57 22.25 12.19 1.21
N ASP F 58 22.99 13.23 1.56
CA ASP F 58 22.75 13.99 2.79
C ASP F 58 21.38 14.62 2.69
N GLU F 59 20.66 14.60 3.81
CA GLU F 59 19.34 15.23 3.93
C GLU F 59 18.24 14.22 3.64
N LEU F 60 18.64 12.98 3.41
CA LEU F 60 17.73 11.89 3.09
C LEU F 60 16.94 11.45 4.32
N THR F 61 17.65 11.29 5.42
CA THR F 61 17.01 10.97 6.68
C THR F 61 17.06 12.18 7.60
N SER F 62 16.34 12.12 8.73
CA SER F 62 16.47 13.11 9.79
C SER F 62 16.47 12.41 11.14
N LEU F 63 17.18 13.01 12.10
CA LEU F 63 17.20 12.50 13.46
C LEU F 63 15.87 12.77 14.12
N VAL F 64 15.39 11.86 14.96
CA VAL F 64 14.10 12.05 15.61
C VAL F 64 14.08 11.28 16.91
N GLN F 65 13.34 11.79 17.90
CA GLN F 65 13.35 11.20 19.23
C GLN F 65 12.11 11.64 19.99
N PRO F 66 11.24 10.68 20.35
CA PRO F 66 10.03 11.08 21.03
C PRO F 66 10.28 11.52 22.46
N VAL F 67 9.23 12.01 23.11
CA VAL F 67 9.24 12.51 24.48
C VAL F 67 9.15 11.38 25.49
N ASP F 68 10.16 11.23 26.36
CA ASP F 68 10.14 10.16 27.36
C ASP F 68 8.73 9.94 27.91
N GLY F 69 8.25 8.69 27.88
CA GLY F 69 6.87 8.37 28.28
C GLY F 69 5.89 8.38 27.10
N GLU F 70 6.40 8.82 25.95
CA GLU F 70 5.67 8.85 24.69
C GLU F 70 6.23 7.80 23.70
N PRO F 71 5.33 7.00 23.10
CA PRO F 71 5.82 5.97 22.20
C PRO F 71 6.28 6.56 20.87
N PHE F 72 7.04 5.78 20.12
CA PHE F 72 7.24 6.09 18.73
C PHE F 72 6.26 5.18 18.01
N VAL F 73 5.36 5.75 17.22
CA VAL F 73 4.37 4.96 16.50
C VAL F 73 4.82 4.60 15.09
N LEU F 74 4.88 3.31 14.82
CA LEU F 74 5.29 2.78 13.53
C LEU F 74 4.06 2.27 12.76
N HIS F 75 3.56 3.10 11.84
CA HIS F 75 2.41 2.75 10.98
C HIS F 75 2.78 1.79 9.88
N PRO F 76 1.85 0.92 9.49
CA PRO F 76 2.16 0.00 8.42
C PRO F 76 2.62 0.72 7.15
N GLY F 77 3.65 0.20 6.52
CA GLY F 77 4.14 0.82 5.31
C GLY F 77 5.24 1.84 5.54
N GLU F 78 5.45 2.24 6.78
CA GLU F 78 6.55 3.16 7.07
C GLU F 78 7.84 2.38 7.33
N PHE F 79 8.98 2.97 6.96
CA PHE F 79 10.28 2.36 7.16
C PHE F 79 11.11 3.32 8.01
N VAL F 80 11.65 2.82 9.12
CA VAL F 80 12.45 3.66 10.00
C VAL F 80 13.72 2.97 10.51
N LEU F 81 14.76 3.76 10.73
CA LEU F 81 16.01 3.25 11.26
C LEU F 81 16.11 3.51 12.76
N GLY F 82 16.51 2.51 13.54
CA GLY F 82 16.71 2.69 14.97
C GLY F 82 17.97 2.00 15.41
N SER F 83 18.13 1.80 16.71
CA SER F 83 19.37 1.17 17.22
C SER F 83 19.13 0.39 18.49
N THR F 84 20.00 -0.60 18.73
CA THR F 84 20.01 -1.28 20.01
C THR F 84 20.49 -0.29 21.05
N LEU F 85 19.89 -0.36 22.23
CA LEU F 85 20.35 0.39 23.40
C LEU F 85 21.79 0.03 23.76
N GLU F 86 22.08 -1.27 23.70
CA GLU F 86 23.37 -1.82 24.05
C GLU F 86 24.46 -1.44 23.03
N LEU F 87 25.70 -1.30 23.51
CA LEU F 87 26.86 -1.23 22.62
C LEU F 87 27.60 -2.56 22.58
N PHE F 88 27.80 -3.08 21.39
CA PHE F 88 28.37 -4.40 21.21
C PHE F 88 29.81 -4.37 20.67
N THR F 89 30.63 -5.26 21.20
CA THR F 89 31.99 -5.42 20.69
C THR F 89 32.30 -6.88 20.48
N LEU F 90 32.44 -7.27 19.21
CA LEU F 90 32.72 -8.66 18.86
C LEU F 90 34.22 -8.91 18.59
N PRO F 91 34.73 -10.06 19.05
CA PRO F 91 36.08 -10.55 18.77
C PRO F 91 36.13 -11.11 17.36
N ASP F 92 37.30 -11.57 16.93
CA ASP F 92 37.49 -11.90 15.53
C ASP F 92 37.12 -13.35 15.19
N ASN F 93 36.53 -14.07 16.15
CA ASN F 93 36.14 -15.47 15.94
C ASN F 93 34.62 -15.73 16.15
N LEU F 94 33.86 -14.65 16.24
CA LEU F 94 32.42 -14.71 16.41
C LEU F 94 31.71 -13.81 15.40
N ALA F 95 30.57 -14.30 14.90
CA ALA F 95 29.68 -13.49 14.08
C ALA F 95 28.34 -13.39 14.79
N GLY F 96 27.54 -12.39 14.44
CA GLY F 96 26.25 -12.19 15.07
C GLY F 96 25.09 -12.18 14.08
N ARG F 97 23.96 -12.68 14.55
CA ARG F 97 22.72 -12.70 13.80
C ARG F 97 21.62 -12.15 14.68
N LEU F 98 20.87 -11.18 14.16
CA LEU F 98 19.68 -10.70 14.83
C LEU F 98 18.57 -11.68 14.54
N GLU F 99 17.67 -11.88 15.49
CA GLU F 99 16.48 -12.69 15.26
C GLU F 99 15.34 -11.94 15.89
N GLY F 100 14.12 -12.10 15.38
CA GLY F 100 12.96 -11.50 16.02
C GLY F 100 12.61 -12.18 17.32
N LYS F 101 11.84 -11.51 18.16
CA LYS F 101 11.26 -12.19 19.33
C LYS F 101 9.90 -12.74 18.95
N SER F 102 9.66 -13.97 19.36
CA SER F 102 8.42 -14.62 19.05
C SER F 102 7.20 -13.81 19.42
N SER F 103 7.29 -13.06 20.51
CA SER F 103 6.18 -12.22 20.97
C SER F 103 5.87 -11.06 20.06
N LEU F 104 6.91 -10.37 19.62
CA LEU F 104 6.73 -9.23 18.74
C LEU F 104 6.49 -9.71 17.33
N GLY F 105 6.97 -10.92 17.06
CA GLY F 105 6.79 -11.53 15.74
C GLY F 105 5.34 -11.76 15.38
N ARG F 106 4.55 -12.12 16.38
CA ARG F 106 3.12 -12.40 16.18
C ARG F 106 2.32 -11.10 16.05
N LEU F 107 2.96 -9.98 16.34
CA LEU F 107 2.29 -8.67 16.27
C LEU F 107 2.57 -7.95 14.95
N GLY F 108 3.40 -8.53 14.09
CA GLY F 108 3.67 -7.95 12.77
C GLY F 108 4.90 -7.06 12.69
N LEU F 109 5.75 -7.12 13.72
CA LEU F 109 6.91 -6.23 13.80
C LEU F 109 8.16 -6.81 13.16
N LEU F 110 8.75 -6.08 12.22
CA LEU F 110 10.07 -6.42 11.64
C LEU F 110 11.16 -5.53 12.21
N THR F 111 12.29 -6.14 12.56
CA THR F 111 13.37 -5.42 13.24
C THR F 111 14.67 -5.29 12.46
N HIS F 112 14.84 -6.06 11.39
CA HIS F 112 16.10 -6.07 10.65
C HIS F 112 15.95 -6.72 9.27
N SER F 113 15.21 -6.07 8.40
CA SER F 113 14.70 -6.68 7.17
C SER F 113 15.58 -7.49 6.22
N THR F 114 16.42 -7.00 5.28
CA THR F 114 17.28 -5.79 5.06
C THR F 114 18.75 -6.01 5.45
N ALA F 115 19.01 -6.40 6.69
CA ALA F 115 20.38 -6.67 7.15
C ALA F 115 20.40 -6.95 8.63
N GLY F 116 20.69 -8.19 8.99
CA GLY F 116 20.78 -8.59 10.38
C GLY F 116 22.07 -9.33 10.68
N PHE F 117 23.03 -9.22 9.79
CA PHE F 117 24.28 -9.94 9.96
C PHE F 117 25.44 -9.05 10.39
N ILE F 118 26.04 -9.39 11.53
CA ILE F 118 27.09 -8.58 12.13
C ILE F 118 28.47 -9.24 12.01
N ASP F 119 29.38 -8.59 11.27
CA ASP F 119 30.74 -9.08 11.04
C ASP F 119 31.56 -9.27 12.32
N PRO F 120 32.47 -10.27 12.34
CA PRO F 120 33.46 -10.33 13.41
C PRO F 120 34.27 -9.04 13.46
N GLY F 121 34.54 -8.53 14.66
CA GLY F 121 35.36 -7.33 14.76
C GLY F 121 34.47 -6.11 14.83
N PHE F 122 33.17 -6.31 14.66
CA PHE F 122 32.21 -5.23 14.79
C PHE F 122 32.22 -4.59 16.18
N SER F 123 32.03 -3.28 16.21
CA SER F 123 31.90 -2.52 17.45
C SER F 123 30.98 -1.32 17.23
N GLY F 124 29.88 -1.27 18.00
CA GLY F 124 28.94 -0.16 17.97
C GLY F 124 27.56 -0.55 18.42
N HIS F 125 26.61 0.39 18.28
CA HIS F 125 25.19 0.07 18.48
C HIS F 125 24.72 -0.56 17.19
N ILE F 126 23.96 -1.64 17.31
CA ILE F 126 23.50 -2.35 16.11
C ILE F 126 22.30 -1.65 15.48
N THR F 127 22.37 -1.40 14.20
CA THR F 127 21.27 -0.73 13.51
C THR F 127 20.06 -1.64 13.35
N LEU F 128 18.87 -1.11 13.65
CA LEU F 128 17.62 -1.86 13.45
C LEU F 128 16.84 -1.23 12.32
N GLU F 129 16.31 -2.06 11.44
CA GLU F 129 15.52 -1.56 10.35
C GLU F 129 14.07 -1.91 10.64
N LEU F 130 13.26 -0.92 11.04
CA LEU F 130 11.93 -1.20 11.59
C LEU F 130 10.83 -1.14 10.55
N SER F 131 9.94 -2.15 10.57
CA SER F 131 8.78 -2.16 9.70
C SER F 131 7.62 -2.83 10.38
N ASN F 132 6.43 -2.50 9.91
CA ASN F 132 5.18 -3.04 10.41
C ASN F 132 4.40 -3.60 9.22
N VAL F 133 4.30 -4.91 9.15
CA VAL F 133 3.50 -5.56 8.10
C VAL F 133 2.11 -5.96 8.62
N ALA F 134 1.74 -5.49 9.82
CA ALA F 134 0.39 -5.77 10.30
C ALA F 134 -0.62 -4.79 9.70
N ASN F 135 -1.85 -4.85 10.17
CA ASN F 135 -2.93 -3.96 9.71
C ASN F 135 -3.36 -2.91 10.76
N LEU F 136 -2.51 -2.72 11.77
CA LEU F 136 -2.68 -1.66 12.76
C LEU F 136 -1.32 -0.99 13.03
N PRO F 137 -1.34 0.28 13.47
CA PRO F 137 -0.15 0.90 14.01
C PRO F 137 0.38 0.14 15.22
N ILE F 138 1.69 0.19 15.44
CA ILE F 138 2.29 -0.39 16.66
C ILE F 138 3.00 0.70 17.46
N THR F 139 2.75 0.78 18.77
CA THR F 139 3.47 1.73 19.63
C THR F 139 4.78 1.14 20.17
N LEU F 140 5.89 1.76 19.79
CA LEU F 140 7.20 1.31 20.25
C LEU F 140 7.70 2.15 21.43
N TRP F 141 8.11 1.47 22.50
CA TRP F 141 8.57 2.11 23.71
C TRP F 141 10.08 1.97 23.83
N PRO F 142 10.79 3.11 23.80
CA PRO F 142 12.23 3.01 24.01
C PRO F 142 12.52 2.25 25.30
N GLY F 143 13.52 1.37 25.26
CA GLY F 143 13.89 0.58 26.42
C GLY F 143 13.36 -0.83 26.36
N MET F 144 12.31 -1.04 25.57
CA MET F 144 11.68 -2.36 25.44
C MET F 144 12.58 -3.40 24.79
N LYS F 145 12.36 -4.65 25.14
CA LYS F 145 13.00 -5.74 24.42
C LYS F 145 12.49 -5.70 22.99
N ILE F 146 13.40 -5.63 22.03
CA ILE F 146 13.04 -5.45 20.64
C ILE F 146 13.42 -6.66 19.76
N GLY F 147 14.31 -7.50 20.25
CA GLY F 147 14.79 -8.65 19.47
C GLY F 147 15.83 -9.46 20.22
N GLN F 148 16.48 -10.37 19.52
CA GLN F 148 17.54 -11.14 20.15
C GLN F 148 18.77 -11.30 19.25
N LEU F 149 19.91 -11.56 19.88
CA LEU F 149 21.17 -11.64 19.20
C LEU F 149 21.78 -13.01 19.41
N CYS F 150 22.12 -13.68 18.31
CA CYS F 150 22.77 -14.98 18.34
C CYS F 150 24.22 -14.84 18.00
N MET F 151 25.08 -15.63 18.64
CA MET F 151 26.49 -15.62 18.28
C MET F 151 26.87 -16.92 17.58
N LEU F 152 27.52 -16.80 16.44
CA LEU F 152 27.98 -17.98 15.74
C LEU F 152 29.48 -18.07 15.72
N ARG F 153 30.01 -19.23 16.10
CA ARG F 153 31.45 -19.51 16.06
C ARG F 153 31.93 -19.60 14.63
N LEU F 154 33.07 -18.99 14.32
CA LEU F 154 33.71 -19.19 13.03
C LEU F 154 34.54 -20.46 13.09
N THR F 155 34.83 -21.04 11.93
CA THR F 155 35.71 -22.21 11.87
C THR F 155 37.16 -21.87 12.28
N SER F 156 37.51 -20.59 12.19
CA SER F 156 38.81 -20.09 12.66
C SER F 156 38.84 -18.57 12.60
N PRO F 157 39.66 -17.95 13.46
CA PRO F 157 39.79 -16.49 13.54
C PRO F 157 39.92 -15.84 12.17
N SER F 158 39.34 -14.66 12.01
CA SER F 158 39.37 -13.97 10.73
C SER F 158 40.68 -13.23 10.51
OH2 1PE G . -0.03 10.33 -20.37
C12 1PE G . -0.36 9.53 -21.54
C22 1PE G . -1.88 9.52 -21.76
OH3 1PE G . -2.26 9.16 -23.10
C13 1PE G . -4.59 8.28 -22.76
C23 1PE G . -3.67 9.33 -23.40
OH4 1PE G . -5.49 7.68 -23.72
C14 1PE G . -6.08 5.22 -23.64
C24 1PE G . -6.38 6.68 -23.20
OH5 1PE G . -5.96 5.03 -25.06
C25 1PE G . -6.95 4.17 -25.65
OH2 1PE H . -1.16 26.79 4.54
C12 1PE H . -0.90 25.94 3.39
C22 1PE H . -2.00 24.88 3.17
OH3 1PE H . -2.64 24.50 4.39
C13 1PE H . -4.98 24.18 5.15
C23 1PE H . -3.87 23.81 4.15
OH4 1PE H . -4.83 23.47 6.40
OH2 1PE I . -25.57 -5.15 -1.12
C12 1PE I . -24.75 -4.13 -0.53
C22 1PE I . -25.51 -2.81 -0.45
OH3 1PE I . -24.85 -1.90 0.45
C13 1PE I . -25.85 -1.22 2.54
C23 1PE I . -25.76 -0.96 1.03
OH4 1PE I . -24.71 -0.67 3.20
C14 1PE I . -25.34 -1.92 5.23
C24 1PE I . -24.90 -0.57 4.62
OH5 1PE I . -26.70 -1.92 5.67
C25 1PE I . -27.02 -0.76 6.44
OH2 1PE J . -3.37 -8.85 -28.71
C12 1PE J . -4.63 -9.45 -28.40
C22 1PE J . -5.49 -9.59 -29.65
OH3 1PE J . -6.69 -10.34 -29.38
C13 1PE J . -7.27 -12.65 -30.02
C23 1PE J . -7.04 -11.21 -30.47
OH4 1PE J . -6.05 -13.40 -30.05
C14 1PE J . -5.00 -15.47 -29.35
C24 1PE J . -6.19 -14.83 -30.06
OH5 1PE J . -4.16 -16.16 -30.29
C25 1PE J . -2.75 -16.02 -30.03
OH2 1PE K . 9.03 -17.86 -11.75
C12 1PE K . 10.11 -18.46 -12.47
C22 1PE K . 11.41 -18.28 -11.68
OH3 1PE K . 12.39 -17.58 -12.46
C13 1PE K . 14.25 -16.39 -11.50
C23 1PE K . 13.71 -17.76 -11.93
OH4 1PE K . 15.25 -15.98 -12.42
C14 1PE K . 16.87 -14.34 -13.23
C24 1PE K . 15.69 -14.61 -12.29
OH5 1PE K . 16.45 -14.44 -14.61
C25 1PE K . 17.48 -14.93 -15.48
OH2 1PE L . -1.65 -13.68 19.14
C12 1PE L . -1.01 -14.85 18.63
C22 1PE L . -1.68 -16.14 19.14
OH3 1PE L . -1.39 -17.27 18.29
C13 1PE L . 0.03 -19.05 17.63
C23 1PE L . -0.28 -18.06 18.73
OH4 1PE L . -0.67 -18.63 16.44
C14 1PE L . -2.51 -19.75 15.26
C24 1PE L . -1.01 -19.68 15.53
OH5 1PE L . -3.09 -20.89 15.92
C25 1PE L . -3.57 -21.89 15.01
OH2 1PE M . 20.88 6.14 4.93
C12 1PE M . 21.94 6.87 5.57
C22 1PE M . 22.76 5.95 6.48
OH3 1PE M . 23.12 6.64 7.69
C13 1PE M . 22.73 5.77 10.00
C23 1PE M . 22.16 6.47 8.76
OH4 1PE M . 21.76 4.94 10.66
C14 1PE M . 20.66 4.93 12.88
C24 1PE M . 21.96 4.84 12.07
OH5 1PE M . 20.59 6.18 13.59
C25 1PE M . 20.40 6.07 15.01
#